data_1MA0
#
_entry.id   1MA0
#
_cell.length_a   78.660
_cell.length_b   78.660
_cell.length_c   310.920
_cell.angle_alpha   90.00
_cell.angle_beta   90.00
_cell.angle_gamma   90.00
#
_symmetry.space_group_name_H-M   'P 43 21 2'
#
loop_
_entity.id
_entity.type
_entity.pdbx_description
1 polymer 'Glutathione-dependent formaldehyde dehydrogenase'
2 non-polymer 'ZINC ION'
3 non-polymer 'POTASSIUM ION'
4 non-polymer 'PHOSPHATE ION'
5 non-polymer NICOTINAMIDE-ADENINE-DINUCLEOTIDE
6 non-polymer 'LAURIC ACID'
7 water water
#
_entity_poly.entity_id   1
_entity_poly.type   'polypeptide(L)'
_entity_poly.pdbx_seq_one_letter_code
;ANEVIKCKAAVAWEAGKPLSIEEIEVAPPKAHEVRIKIIATAVCHTDAYTLSGADPEGCFPVILGHEGAGIVESVGEGVT
KLKAGDTVIPLYIPQCGECKFCLNPKTNLCQKIRVTQGKGLMPDGTSRFTCKGKTILHYMGTSTFSEYTVVADISVAKID
PLAPLDKVCLLGCGISTGYGAAVNTAKLEPGSVCAVFGLGGVGLAVIMGCKVAGASRIIGVDINKDKFARAKEFGATECI
NPQDFSKPIQEVLIEMTDGGVDYSFECIGNVKVMRAALEACHKGWGVSVVVGVAASGEEIATRPFQLVTGRTWKGTAFGG
WKSVESVPKLVSEYMSKKIKVDEFVTHNLSFDEINKAFELMHSGKSIRTVVKI
;
_entity_poly.pdbx_strand_id   A,B
#
loop_
_chem_comp.id
_chem_comp.type
_chem_comp.name
_chem_comp.formula
DAO non-polymer 'LAURIC ACID' 'C12 H24 O2'
K non-polymer 'POTASSIUM ION' 'K 1'
NAD non-polymer NICOTINAMIDE-ADENINE-DINUCLEOTIDE 'C21 H27 N7 O14 P2'
PO4 non-polymer 'PHOSPHATE ION' 'O4 P -3'
ZN non-polymer 'ZINC ION' 'Zn 2'
#
# COMPACT_ATOMS: atom_id res chain seq x y z
N ALA A 1 -38.42 16.36 -32.24
CA ALA A 1 -38.55 15.43 -31.08
C ALA A 1 -37.73 14.17 -31.33
N ASN A 2 -37.04 13.71 -30.30
CA ASN A 2 -36.20 12.51 -30.40
C ASN A 2 -37.01 11.22 -30.59
N GLU A 3 -36.79 10.57 -31.73
CA GLU A 3 -37.49 9.34 -32.06
C GLU A 3 -36.60 8.13 -31.87
N VAL A 4 -37.18 6.95 -32.02
CA VAL A 4 -36.43 5.70 -31.88
C VAL A 4 -35.49 5.59 -33.09
N ILE A 5 -34.29 5.07 -32.85
CA ILE A 5 -33.34 4.91 -33.95
C ILE A 5 -33.09 3.44 -34.25
N LYS A 6 -33.24 3.08 -35.52
CA LYS A 6 -32.97 1.72 -35.95
C LYS A 6 -31.56 1.77 -36.49
N CYS A 7 -30.70 0.87 -36.05
CA CYS A 7 -29.32 0.88 -36.51
C CYS A 7 -28.67 -0.47 -36.32
N LYS A 8 -27.38 -0.53 -36.68
CA LYS A 8 -26.61 -1.75 -36.56
C LYS A 8 -25.83 -1.75 -35.24
N ALA A 9 -25.61 -2.93 -34.70
CA ALA A 9 -24.88 -3.09 -33.45
C ALA A 9 -24.38 -4.54 -33.36
N ALA A 10 -23.32 -4.75 -32.58
CA ALA A 10 -22.75 -6.08 -32.41
C ALA A 10 -23.29 -6.64 -31.10
N VAL A 11 -24.27 -7.52 -31.19
CA VAL A 11 -24.91 -8.12 -30.03
C VAL A 11 -24.30 -9.43 -29.58
N ALA A 12 -24.14 -9.56 -28.26
CA ALA A 12 -23.63 -10.78 -27.65
C ALA A 12 -24.84 -11.47 -27.04
N TRP A 13 -25.46 -12.38 -27.80
CA TRP A 13 -26.64 -13.10 -27.33
C TRP A 13 -26.35 -14.02 -26.16
N GLU A 14 -25.21 -14.71 -26.22
CA GLU A 14 -24.83 -15.61 -25.15
C GLU A 14 -23.32 -15.67 -25.03
N ALA A 15 -22.84 -16.22 -23.92
CA ALA A 15 -21.40 -16.32 -23.68
C ALA A 15 -20.76 -17.41 -24.53
N GLY A 16 -19.47 -17.24 -24.80
CA GLY A 16 -18.73 -18.22 -25.57
C GLY A 16 -19.03 -18.28 -27.05
N LYS A 17 -19.65 -17.23 -27.58
CA LYS A 17 -19.98 -17.19 -29.00
C LYS A 17 -19.59 -15.86 -29.63
N PRO A 18 -19.36 -15.85 -30.95
CA PRO A 18 -18.97 -14.61 -31.65
C PRO A 18 -20.12 -13.60 -31.64
N LEU A 19 -19.76 -12.31 -31.65
CA LEU A 19 -20.76 -11.26 -31.65
C LEU A 19 -21.62 -11.34 -32.91
N SER A 20 -22.90 -11.01 -32.79
CA SER A 20 -23.80 -11.05 -33.92
C SER A 20 -24.14 -9.65 -34.41
N ILE A 21 -23.89 -9.39 -35.70
CA ILE A 21 -24.21 -8.09 -36.25
C ILE A 21 -25.72 -8.12 -36.45
N GLU A 22 -26.42 -7.29 -35.68
CA GLU A 22 -27.87 -7.24 -35.74
C GLU A 22 -28.36 -5.82 -36.00
N GLU A 23 -29.65 -5.71 -36.29
CA GLU A 23 -30.29 -4.43 -36.48
C GLU A 23 -31.03 -4.27 -35.17
N ILE A 24 -30.89 -3.12 -34.53
CA ILE A 24 -31.54 -2.90 -33.24
C ILE A 24 -32.28 -1.59 -33.18
N GLU A 25 -33.00 -1.39 -32.08
CA GLU A 25 -33.73 -0.17 -31.86
C GLU A 25 -33.10 0.52 -30.66
N VAL A 26 -32.91 1.84 -30.75
CA VAL A 26 -32.31 2.59 -29.66
C VAL A 26 -33.26 3.71 -29.24
N ALA A 27 -33.88 3.53 -28.08
CA ALA A 27 -34.83 4.50 -27.57
C ALA A 27 -34.19 5.88 -27.39
N PRO A 28 -35.00 6.94 -27.41
CA PRO A 28 -34.47 8.29 -27.23
C PRO A 28 -33.98 8.48 -25.79
N PRO A 29 -33.20 9.55 -25.54
CA PRO A 29 -32.67 9.83 -24.20
C PRO A 29 -33.74 10.31 -23.23
N LYS A 30 -33.78 9.72 -22.04
CA LYS A 30 -34.74 10.15 -21.03
C LYS A 30 -34.05 11.26 -20.24
N ALA A 31 -34.68 11.73 -19.17
CA ALA A 31 -34.08 12.79 -18.37
C ALA A 31 -32.64 12.43 -18.02
N HIS A 32 -31.74 13.40 -18.19
CA HIS A 32 -30.33 13.23 -17.87
C HIS A 32 -29.63 12.08 -18.57
N GLU A 33 -30.00 11.84 -19.82
CA GLU A 33 -29.36 10.81 -20.63
C GLU A 33 -28.89 11.46 -21.92
N VAL A 34 -27.93 10.83 -22.58
CA VAL A 34 -27.37 11.36 -23.82
C VAL A 34 -27.22 10.24 -24.83
N ARG A 35 -27.72 10.44 -26.04
CA ARG A 35 -27.58 9.43 -27.08
C ARG A 35 -26.40 9.87 -27.93
N ILE A 36 -25.47 8.96 -28.17
CA ILE A 36 -24.26 9.27 -28.92
C ILE A 36 -24.09 8.46 -30.18
N LYS A 37 -23.60 9.13 -31.24
CA LYS A 37 -23.34 8.42 -32.47
C LYS A 37 -21.88 8.00 -32.34
N ILE A 38 -21.65 6.69 -32.27
CA ILE A 38 -20.28 6.18 -32.15
C ILE A 38 -19.59 6.20 -33.50
N ILE A 39 -18.46 6.88 -33.58
CA ILE A 39 -17.69 6.96 -34.82
C ILE A 39 -16.63 5.87 -34.83
N ALA A 40 -16.05 5.60 -33.66
CA ALA A 40 -15.02 4.58 -33.56
C ALA A 40 -15.02 3.94 -32.18
N THR A 41 -14.65 2.66 -32.16
CA THR A 41 -14.58 1.92 -30.91
C THR A 41 -13.45 0.91 -30.99
N ALA A 42 -12.76 0.70 -29.88
CA ALA A 42 -11.67 -0.25 -29.80
C ALA A 42 -12.17 -1.44 -28.98
N VAL A 43 -11.33 -2.45 -28.86
CA VAL A 43 -11.68 -3.66 -28.11
C VAL A 43 -10.50 -4.07 -27.22
N CYS A 44 -10.79 -4.52 -26.00
CA CYS A 44 -9.71 -4.94 -25.10
C CYS A 44 -10.15 -6.17 -24.31
N HIS A 45 -9.19 -6.89 -23.74
CA HIS A 45 -9.48 -8.11 -23.00
C HIS A 45 -10.64 -8.11 -22.02
N THR A 46 -11.03 -6.93 -21.55
CA THR A 46 -12.15 -6.87 -20.62
C THR A 46 -13.45 -7.24 -21.35
N ASP A 47 -13.60 -6.75 -22.58
CA ASP A 47 -14.77 -7.05 -23.38
C ASP A 47 -14.81 -8.55 -23.64
N ALA A 48 -13.63 -9.11 -23.92
CA ALA A 48 -13.50 -10.54 -24.21
C ALA A 48 -13.78 -11.41 -23.00
N TYR A 49 -13.36 -10.96 -21.82
CA TYR A 49 -13.57 -11.72 -20.60
C TYR A 49 -15.07 -11.92 -20.39
N THR A 50 -15.82 -10.82 -20.44
CA THR A 50 -17.26 -10.87 -20.26
C THR A 50 -17.86 -11.83 -21.30
N LEU A 51 -17.41 -11.71 -22.55
CA LEU A 51 -17.90 -12.55 -23.62
C LEU A 51 -17.57 -14.02 -23.41
N SER A 52 -16.41 -14.29 -22.83
CA SER A 52 -15.99 -15.67 -22.58
C SER A 52 -16.97 -16.39 -21.67
N GLY A 53 -17.72 -15.63 -20.88
CA GLY A 53 -18.70 -16.22 -19.97
C GLY A 53 -18.14 -16.51 -18.59
N ALA A 54 -16.86 -16.19 -18.39
CA ALA A 54 -16.19 -16.44 -17.10
C ALA A 54 -16.41 -15.32 -16.08
N ASP A 55 -17.09 -14.25 -16.49
CA ASP A 55 -17.34 -13.13 -15.60
C ASP A 55 -18.59 -13.38 -14.77
N PRO A 56 -18.42 -13.52 -13.45
CA PRO A 56 -19.50 -13.77 -12.47
C PRO A 56 -20.57 -12.68 -12.44
N GLU A 57 -20.39 -11.64 -13.26
CA GLU A 57 -21.36 -10.55 -13.31
C GLU A 57 -21.76 -10.28 -14.75
N GLY A 58 -21.40 -11.19 -15.64
CA GLY A 58 -21.73 -11.04 -17.03
C GLY A 58 -23.13 -11.58 -17.33
N CYS A 59 -23.99 -10.70 -17.82
CA CYS A 59 -25.36 -11.08 -18.16
C CYS A 59 -25.57 -10.89 -19.66
N PHE A 60 -26.46 -11.70 -20.23
CA PHE A 60 -26.76 -11.63 -21.65
C PHE A 60 -28.27 -11.55 -21.86
N PRO A 61 -28.72 -11.00 -23.01
CA PRO A 61 -27.94 -10.44 -24.12
C PRO A 61 -27.40 -9.06 -23.75
N VAL A 62 -26.23 -8.72 -24.31
CA VAL A 62 -25.64 -7.43 -23.99
C VAL A 62 -24.82 -6.85 -25.14
N ILE A 63 -24.74 -5.53 -25.16
CA ILE A 63 -23.96 -4.82 -26.17
C ILE A 63 -22.69 -4.34 -25.45
N LEU A 64 -21.58 -5.03 -25.73
CA LEU A 64 -20.30 -4.73 -25.12
C LEU A 64 -19.65 -3.48 -25.72
N GLY A 65 -18.38 -3.26 -25.36
CA GLY A 65 -17.66 -2.10 -25.85
C GLY A 65 -17.62 -0.98 -24.84
N HIS A 66 -16.42 -0.52 -24.52
CA HIS A 66 -16.26 0.56 -23.54
C HIS A 66 -15.16 1.53 -23.96
N GLU A 67 -14.64 1.36 -25.16
CA GLU A 67 -13.60 2.24 -25.69
C GLU A 67 -14.15 2.93 -26.94
N GLY A 68 -14.74 4.11 -26.77
CA GLY A 68 -15.30 4.78 -27.92
C GLY A 68 -15.16 6.29 -27.95
N ALA A 69 -15.50 6.84 -29.11
CA ALA A 69 -15.46 8.27 -29.36
C ALA A 69 -16.59 8.52 -30.36
N GLY A 70 -17.28 9.63 -30.22
CA GLY A 70 -18.36 9.91 -31.13
C GLY A 70 -18.90 11.32 -31.03
N ILE A 71 -20.14 11.49 -31.48
CA ILE A 71 -20.80 12.80 -31.49
C ILE A 71 -22.18 12.70 -30.85
N VAL A 72 -22.52 13.70 -30.04
CA VAL A 72 -23.82 13.73 -29.39
C VAL A 72 -24.92 13.88 -30.45
N GLU A 73 -25.79 12.87 -30.52
CA GLU A 73 -26.90 12.86 -31.48
C GLU A 73 -28.11 13.60 -30.88
N SER A 74 -28.30 13.46 -29.56
CA SER A 74 -29.40 14.13 -28.86
C SER A 74 -29.33 13.91 -27.35
N VAL A 75 -29.87 14.86 -26.59
CA VAL A 75 -29.86 14.78 -25.13
C VAL A 75 -31.28 14.78 -24.56
N GLY A 76 -31.42 14.22 -23.36
CA GLY A 76 -32.73 14.16 -22.72
C GLY A 76 -33.03 15.41 -21.90
N GLU A 77 -34.14 15.41 -21.19
CA GLU A 77 -34.54 16.56 -20.37
C GLU A 77 -33.48 16.93 -19.34
N GLY A 78 -33.47 18.21 -18.96
CA GLY A 78 -32.55 18.69 -17.96
C GLY A 78 -31.08 18.74 -18.33
N VAL A 79 -30.74 18.30 -19.54
CA VAL A 79 -29.34 18.31 -19.98
C VAL A 79 -29.04 19.62 -20.70
N THR A 80 -28.15 20.43 -20.12
CA THR A 80 -27.80 21.72 -20.71
C THR A 80 -26.33 21.92 -21.03
N LYS A 81 -25.46 21.08 -20.45
CA LYS A 81 -24.03 21.19 -20.69
C LYS A 81 -23.62 20.52 -22.00
N LEU A 82 -24.46 19.61 -22.50
CA LEU A 82 -24.19 18.89 -23.73
C LEU A 82 -25.31 19.13 -24.72
N LYS A 83 -24.99 19.07 -26.00
CA LYS A 83 -25.97 19.30 -27.05
C LYS A 83 -25.56 18.53 -28.30
N ALA A 84 -26.51 18.35 -29.21
CA ALA A 84 -26.24 17.66 -30.45
C ALA A 84 -25.03 18.31 -31.14
N GLY A 85 -24.14 17.48 -31.65
CA GLY A 85 -22.96 18.01 -32.31
C GLY A 85 -21.69 17.96 -31.49
N ASP A 86 -21.82 17.98 -30.16
CA ASP A 86 -20.63 17.92 -29.31
C ASP A 86 -19.80 16.66 -29.57
N THR A 87 -18.48 16.79 -29.50
CA THR A 87 -17.59 15.66 -29.70
C THR A 87 -17.35 15.09 -28.30
N VAL A 88 -17.55 13.80 -28.13
CA VAL A 88 -17.41 13.20 -26.80
C VAL A 88 -16.86 11.79 -26.74
N ILE A 89 -16.53 11.38 -25.50
CA ILE A 89 -16.00 10.04 -25.20
C ILE A 89 -16.83 9.49 -24.05
N PRO A 90 -17.44 8.30 -24.22
CA PRO A 90 -18.25 7.71 -23.15
C PRO A 90 -17.30 7.23 -22.05
N LEU A 91 -17.75 7.26 -20.80
CA LEU A 91 -16.90 6.87 -19.67
C LEU A 91 -17.52 5.79 -18.79
N TYR A 92 -16.79 4.71 -18.53
CA TYR A 92 -17.34 3.66 -17.66
C TYR A 92 -17.19 4.07 -16.20
N ILE A 93 -16.36 5.10 -15.97
CA ILE A 93 -16.15 5.66 -14.65
C ILE A 93 -16.69 7.07 -14.79
N PRO A 94 -17.90 7.33 -14.26
CA PRO A 94 -18.53 8.65 -14.35
C PRO A 94 -17.98 9.67 -13.36
N GLN A 95 -18.58 10.86 -13.38
CA GLN A 95 -18.20 11.92 -12.46
C GLN A 95 -19.40 12.84 -12.24
N CYS A 96 -20.24 12.51 -11.26
CA CYS A 96 -21.42 13.32 -10.97
C CYS A 96 -20.97 14.64 -10.38
N GLY A 97 -19.82 14.61 -9.71
CA GLY A 97 -19.28 15.82 -9.12
C GLY A 97 -20.04 16.30 -7.89
N GLU A 98 -20.87 15.44 -7.31
CA GLU A 98 -21.64 15.85 -6.13
C GLU A 98 -21.62 14.81 -5.01
N CYS A 99 -21.27 13.57 -5.33
CA CYS A 99 -21.23 12.53 -4.32
C CYS A 99 -19.97 12.65 -3.45
N LYS A 100 -19.95 11.90 -2.35
CA LYS A 100 -18.83 11.92 -1.43
C LYS A 100 -17.51 11.59 -2.13
N PHE A 101 -17.57 10.76 -3.16
CA PHE A 101 -16.38 10.38 -3.89
C PHE A 101 -15.86 11.49 -4.81
N CYS A 102 -16.74 12.04 -5.65
CA CYS A 102 -16.33 13.10 -6.56
C CYS A 102 -15.80 14.32 -5.81
N LEU A 103 -16.29 14.53 -4.59
CA LEU A 103 -15.85 15.67 -3.80
C LEU A 103 -14.53 15.41 -3.06
N ASN A 104 -14.08 14.16 -3.07
CA ASN A 104 -12.83 13.82 -2.40
C ASN A 104 -11.71 13.75 -3.44
N PRO A 105 -10.71 14.64 -3.33
CA PRO A 105 -9.57 14.72 -4.24
C PRO A 105 -8.72 13.45 -4.40
N LYS A 106 -8.85 12.52 -3.45
CA LYS A 106 -8.06 11.29 -3.49
C LYS A 106 -8.65 10.14 -4.30
N THR A 107 -9.78 10.36 -4.96
CA THR A 107 -10.39 9.29 -5.72
C THR A 107 -11.19 9.78 -6.92
N ASN A 108 -11.46 8.88 -7.85
CA ASN A 108 -12.23 9.21 -9.04
C ASN A 108 -13.39 8.25 -9.17
N LEU A 109 -13.59 7.42 -8.15
CA LEU A 109 -14.66 6.42 -8.17
C LEU A 109 -16.07 6.86 -7.80
N CYS A 110 -16.66 7.69 -8.66
CA CYS A 110 -18.03 8.17 -8.45
C CYS A 110 -18.95 6.96 -8.28
N GLN A 111 -19.83 7.01 -7.28
CA GLN A 111 -20.73 5.90 -7.01
C GLN A 111 -22.20 6.14 -7.36
N LYS A 112 -22.51 7.33 -7.87
CA LYS A 112 -23.89 7.66 -8.17
C LYS A 112 -24.74 6.67 -8.97
N ILE A 113 -24.14 6.02 -9.96
CA ILE A 113 -24.91 5.10 -10.80
C ILE A 113 -24.31 3.72 -10.94
N ARG A 114 -23.39 3.39 -10.04
CA ARG A 114 -22.72 2.10 -10.08
C ARG A 114 -23.64 0.88 -10.01
N VAL A 115 -24.64 0.93 -9.13
CA VAL A 115 -25.58 -0.18 -8.97
C VAL A 115 -26.29 -0.53 -10.26
N THR A 116 -26.96 0.45 -10.86
CA THR A 116 -27.67 0.19 -12.11
C THR A 116 -26.69 -0.14 -13.24
N GLN A 117 -25.59 0.61 -13.32
CA GLN A 117 -24.61 0.35 -14.38
C GLN A 117 -24.13 -1.08 -14.33
N GLY A 118 -23.95 -1.61 -13.12
CA GLY A 118 -23.49 -2.98 -12.97
C GLY A 118 -24.52 -4.00 -13.47
N LYS A 119 -25.79 -3.58 -13.51
CA LYS A 119 -26.85 -4.46 -13.98
C LYS A 119 -27.15 -4.25 -15.46
N GLY A 120 -26.29 -3.49 -16.13
CA GLY A 120 -26.48 -3.21 -17.54
C GLY A 120 -27.70 -2.35 -17.82
N LEU A 121 -27.99 -1.42 -16.91
CA LEU A 121 -29.15 -0.55 -17.05
C LEU A 121 -28.80 0.93 -16.87
N MET A 122 -29.67 1.81 -17.37
CA MET A 122 -29.47 3.24 -17.19
C MET A 122 -29.84 3.53 -15.74
N PRO A 123 -29.64 4.78 -15.28
CA PRO A 123 -29.98 5.10 -13.90
C PRO A 123 -31.44 4.86 -13.52
N ASP A 124 -32.35 4.97 -14.49
CA ASP A 124 -33.77 4.77 -14.23
C ASP A 124 -34.14 3.30 -14.06
N GLY A 125 -33.16 2.42 -14.20
CA GLY A 125 -33.42 1.00 -14.04
C GLY A 125 -33.85 0.23 -15.28
N THR A 126 -33.83 0.88 -16.43
CA THR A 126 -34.22 0.22 -17.69
C THR A 126 -33.15 0.36 -18.76
N SER A 127 -33.30 -0.42 -19.83
CA SER A 127 -32.38 -0.41 -20.97
C SER A 127 -33.01 0.27 -22.19
N ARG A 128 -32.18 0.91 -23.00
CA ARG A 128 -32.65 1.59 -24.20
C ARG A 128 -32.49 0.72 -25.44
N PHE A 129 -31.99 -0.50 -25.26
CA PHE A 129 -31.77 -1.40 -26.39
C PHE A 129 -32.77 -2.53 -26.52
N THR A 130 -33.19 -2.78 -27.76
CA THR A 130 -34.11 -3.87 -28.07
C THR A 130 -33.70 -4.42 -29.43
N CYS A 131 -33.97 -5.70 -29.65
CA CYS A 131 -33.61 -6.34 -30.91
C CYS A 131 -34.33 -7.66 -31.07
N LYS A 132 -35.09 -7.80 -32.15
CA LYS A 132 -35.84 -9.03 -32.38
C LYS A 132 -36.80 -9.29 -31.23
N GLY A 133 -37.36 -8.22 -30.66
CA GLY A 133 -38.30 -8.34 -29.57
C GLY A 133 -37.70 -8.56 -28.19
N LYS A 134 -36.38 -8.65 -28.12
CA LYS A 134 -35.70 -8.86 -26.84
C LYS A 134 -34.98 -7.61 -26.34
N THR A 135 -35.00 -7.40 -25.03
CA THR A 135 -34.31 -6.26 -24.43
C THR A 135 -32.83 -6.65 -24.33
N ILE A 136 -31.95 -5.75 -24.73
CA ILE A 136 -30.51 -6.03 -24.69
C ILE A 136 -29.89 -5.12 -23.64
N LEU A 137 -29.00 -5.68 -22.82
CA LEU A 137 -28.37 -4.92 -21.76
C LEU A 137 -27.25 -3.99 -22.19
N HIS A 138 -27.01 -2.98 -21.37
CA HIS A 138 -25.93 -2.02 -21.61
C HIS A 138 -24.69 -2.66 -20.99
N TYR A 139 -23.53 -2.09 -21.22
CA TYR A 139 -22.30 -2.64 -20.69
C TYR A 139 -21.34 -1.54 -20.26
N MET A 140 -20.86 -1.64 -19.02
CA MET A 140 -19.93 -0.67 -18.47
C MET A 140 -20.44 0.74 -18.65
N GLY A 141 -21.75 0.87 -18.81
CA GLY A 141 -22.36 2.18 -18.99
C GLY A 141 -22.01 2.87 -20.30
N THR A 142 -21.42 2.11 -21.23
CA THR A 142 -21.02 2.69 -22.51
C THR A 142 -21.60 2.00 -23.74
N SER A 143 -21.50 0.68 -23.81
CA SER A 143 -22.02 -0.07 -24.95
C SER A 143 -21.61 0.62 -26.26
N THR A 144 -20.31 0.64 -26.54
CA THR A 144 -19.83 1.30 -27.75
C THR A 144 -19.82 0.44 -29.01
N PHE A 145 -20.37 -0.77 -28.93
CA PHE A 145 -20.42 -1.65 -30.10
C PHE A 145 -21.73 -1.49 -30.87
N SER A 146 -22.15 -0.23 -31.05
CA SER A 146 -23.39 0.09 -31.76
C SER A 146 -23.19 1.42 -32.47
N GLU A 147 -23.95 1.65 -33.54
CA GLU A 147 -23.82 2.91 -34.27
C GLU A 147 -24.31 4.04 -33.38
N TYR A 148 -25.19 3.71 -32.46
CA TYR A 148 -25.73 4.68 -31.52
C TYR A 148 -25.88 4.03 -30.16
N THR A 149 -25.58 4.79 -29.12
CA THR A 149 -25.69 4.29 -27.76
C THR A 149 -26.27 5.39 -26.88
N VAL A 150 -26.77 5.00 -25.71
CA VAL A 150 -27.34 5.97 -24.77
C VAL A 150 -26.58 5.78 -23.47
N VAL A 151 -26.20 6.89 -22.84
CA VAL A 151 -25.45 6.80 -21.60
C VAL A 151 -25.94 7.85 -20.62
N ALA A 152 -25.60 7.67 -19.34
CA ALA A 152 -25.99 8.63 -18.32
C ALA A 152 -25.28 9.92 -18.69
N ASP A 153 -25.88 11.06 -18.36
CA ASP A 153 -25.27 12.34 -18.70
C ASP A 153 -24.01 12.64 -17.88
N ILE A 154 -23.71 11.82 -16.88
CA ILE A 154 -22.52 12.03 -16.07
C ILE A 154 -21.40 11.09 -16.53
N SER A 155 -21.68 10.32 -17.57
CA SER A 155 -20.72 9.37 -18.13
C SER A 155 -20.20 9.91 -19.47
N VAL A 156 -20.10 11.23 -19.58
CA VAL A 156 -19.66 11.83 -20.84
C VAL A 156 -18.59 12.90 -20.71
N ALA A 157 -17.54 12.77 -21.53
CA ALA A 157 -16.47 13.75 -21.53
C ALA A 157 -16.57 14.54 -22.84
N LYS A 158 -16.66 15.85 -22.74
CA LYS A 158 -16.76 16.71 -23.93
C LYS A 158 -15.34 17.07 -24.32
N ILE A 159 -14.94 16.68 -25.52
CA ILE A 159 -13.58 16.93 -25.98
C ILE A 159 -13.41 17.83 -27.19
N ASP A 160 -12.15 18.11 -27.49
CA ASP A 160 -11.75 18.96 -28.62
C ASP A 160 -12.38 18.44 -29.91
N PRO A 161 -13.15 19.29 -30.60
CA PRO A 161 -13.81 18.88 -31.86
C PRO A 161 -12.80 18.45 -32.94
N LEU A 162 -11.59 18.97 -32.85
CA LEU A 162 -10.53 18.66 -33.82
C LEU A 162 -9.82 17.33 -33.60
N ALA A 163 -10.08 16.69 -32.47
CA ALA A 163 -9.43 15.42 -32.17
C ALA A 163 -9.91 14.30 -33.08
N PRO A 164 -8.98 13.47 -33.60
CA PRO A 164 -9.35 12.36 -34.49
C PRO A 164 -10.00 11.24 -33.67
N LEU A 165 -11.31 11.07 -33.87
CA LEU A 165 -12.08 10.08 -33.13
C LEU A 165 -11.64 8.62 -33.26
N ASP A 166 -11.05 8.24 -34.39
CA ASP A 166 -10.62 6.86 -34.56
C ASP A 166 -9.28 6.66 -33.86
N LYS A 167 -8.88 7.69 -33.11
CA LYS A 167 -7.63 7.68 -32.36
C LYS A 167 -7.92 7.86 -30.86
N VAL A 168 -8.53 8.98 -30.48
CA VAL A 168 -8.81 9.25 -29.07
C VAL A 168 -9.79 8.27 -28.40
N CYS A 169 -10.37 7.36 -29.17
CA CYS A 169 -11.30 6.41 -28.58
C CYS A 169 -10.53 5.53 -27.58
N LEU A 170 -9.22 5.44 -27.76
CA LEU A 170 -8.38 4.64 -26.86
C LEU A 170 -8.14 5.32 -25.51
N LEU A 171 -8.47 6.61 -25.44
CA LEU A 171 -8.30 7.36 -24.20
C LEU A 171 -9.45 7.03 -23.26
N GLY A 172 -10.38 6.21 -23.74
CA GLY A 172 -11.50 5.83 -22.92
C GLY A 172 -11.13 4.63 -22.07
N CYS A 173 -9.88 4.20 -22.14
CA CYS A 173 -9.48 3.05 -21.35
C CYS A 173 -7.99 2.80 -21.07
N GLY A 174 -7.37 1.95 -21.88
CA GLY A 174 -5.98 1.59 -21.67
C GLY A 174 -4.94 2.70 -21.51
N ILE A 175 -4.88 3.60 -22.48
CA ILE A 175 -3.90 4.67 -22.43
C ILE A 175 -4.04 5.52 -21.18
N SER A 176 -5.25 6.00 -20.91
CA SER A 176 -5.50 6.82 -19.74
C SER A 176 -5.13 6.10 -18.46
N THR A 177 -5.52 4.84 -18.35
CA THR A 177 -5.23 4.04 -17.16
C THR A 177 -3.75 3.90 -16.85
N GLY A 178 -2.97 3.40 -17.80
CA GLY A 178 -1.55 3.24 -17.60
C GLY A 178 -0.86 4.56 -17.31
N TYR A 179 -1.21 5.57 -18.10
CA TYR A 179 -0.61 6.89 -17.93
C TYR A 179 -0.91 7.40 -16.51
N GLY A 180 -2.19 7.32 -16.12
CA GLY A 180 -2.58 7.77 -14.79
C GLY A 180 -1.93 6.99 -13.67
N ALA A 181 -1.74 5.69 -13.89
CA ALA A 181 -1.12 4.85 -12.87
C ALA A 181 0.24 5.42 -12.47
N ALA A 182 0.95 5.94 -13.47
CA ALA A 182 2.26 6.50 -13.24
C ALA A 182 2.23 7.89 -12.62
N VAL A 183 1.44 8.79 -13.19
CA VAL A 183 1.42 10.16 -12.69
C VAL A 183 0.40 10.54 -11.62
N ASN A 184 -0.63 9.72 -11.41
CA ASN A 184 -1.62 10.03 -10.39
C ASN A 184 -1.54 9.12 -9.17
N THR A 185 -1.41 7.82 -9.40
CA THR A 185 -1.35 6.86 -8.32
C THR A 185 0.06 6.72 -7.76
N ALA A 186 1.03 6.46 -8.63
CA ALA A 186 2.40 6.33 -8.18
C ALA A 186 3.01 7.71 -7.89
N LYS A 187 2.75 8.66 -8.78
CA LYS A 187 3.30 10.01 -8.68
C LYS A 187 4.81 9.87 -8.58
N LEU A 188 5.39 9.05 -9.46
CA LEU A 188 6.83 8.85 -9.42
C LEU A 188 7.57 10.16 -9.63
N GLU A 189 8.73 10.27 -9.00
CA GLU A 189 9.57 11.46 -9.09
C GLU A 189 10.60 11.29 -10.20
N PRO A 190 11.19 12.40 -10.68
CA PRO A 190 12.21 12.29 -11.73
C PRO A 190 13.37 11.42 -11.25
N GLY A 191 13.87 10.55 -12.13
CA GLY A 191 14.98 9.70 -11.78
C GLY A 191 14.59 8.34 -11.22
N SER A 192 13.30 8.13 -10.98
CA SER A 192 12.81 6.87 -10.42
C SER A 192 13.16 5.64 -11.24
N VAL A 193 13.41 4.53 -10.55
CA VAL A 193 13.71 3.26 -11.18
C VAL A 193 12.37 2.51 -11.22
N CYS A 194 11.91 2.16 -12.43
CA CYS A 194 10.63 1.49 -12.58
C CYS A 194 10.66 0.13 -13.28
N ALA A 195 9.65 -0.67 -13.00
CA ALA A 195 9.49 -1.99 -13.61
C ALA A 195 8.02 -2.10 -14.00
N VAL A 196 7.77 -2.55 -15.22
CA VAL A 196 6.40 -2.69 -15.71
C VAL A 196 6.15 -4.12 -16.17
N PHE A 197 5.24 -4.80 -15.47
CA PHE A 197 4.90 -6.18 -15.80
C PHE A 197 3.71 -6.25 -16.76
N GLY A 198 3.97 -6.74 -17.97
CA GLY A 198 2.90 -6.82 -18.95
C GLY A 198 3.09 -5.63 -19.88
N LEU A 199 3.40 -5.93 -21.14
CA LEU A 199 3.63 -4.87 -22.10
C LEU A 199 2.54 -4.73 -23.16
N GLY A 200 1.29 -4.74 -22.69
CA GLY A 200 0.18 -4.56 -23.59
C GLY A 200 -0.09 -3.07 -23.60
N GLY A 201 -1.21 -2.65 -24.18
CA GLY A 201 -1.52 -1.23 -24.22
C GLY A 201 -1.40 -0.57 -22.85
N VAL A 202 -1.84 -1.26 -21.81
CA VAL A 202 -1.78 -0.70 -20.46
C VAL A 202 -0.32 -0.48 -20.03
N GLY A 203 0.49 -1.53 -20.11
CA GLY A 203 1.90 -1.41 -19.73
C GLY A 203 2.64 -0.33 -20.52
N LEU A 204 2.37 -0.24 -21.82
CA LEU A 204 3.01 0.76 -22.65
C LEU A 204 2.62 2.18 -22.21
N ALA A 205 1.38 2.34 -21.78
CA ALA A 205 0.90 3.64 -21.32
C ALA A 205 1.59 3.99 -19.99
N VAL A 206 1.89 2.97 -19.19
CA VAL A 206 2.59 3.17 -17.92
C VAL A 206 4.01 3.61 -18.27
N ILE A 207 4.62 2.94 -19.24
CA ILE A 207 5.98 3.30 -19.65
C ILE A 207 5.97 4.74 -20.13
N MET A 208 4.97 5.08 -20.92
CA MET A 208 4.83 6.43 -21.46
C MET A 208 4.76 7.41 -20.30
N GLY A 209 3.99 7.06 -19.27
CA GLY A 209 3.85 7.93 -18.11
C GLY A 209 5.16 8.06 -17.33
N CYS A 210 5.88 6.96 -17.18
CA CYS A 210 7.16 6.97 -16.47
C CYS A 210 8.15 7.89 -17.18
N LYS A 211 8.11 7.89 -18.50
CA LYS A 211 9.01 8.73 -19.28
C LYS A 211 8.63 10.20 -19.08
N VAL A 212 7.33 10.51 -19.11
CA VAL A 212 6.90 11.88 -18.91
C VAL A 212 7.33 12.39 -17.52
N ALA A 213 7.31 11.49 -16.54
CA ALA A 213 7.68 11.87 -15.18
C ALA A 213 9.19 11.99 -15.00
N GLY A 214 9.96 11.55 -16.00
CA GLY A 214 11.40 11.64 -15.90
C GLY A 214 12.09 10.44 -15.25
N ALA A 215 11.49 9.26 -15.37
CA ALA A 215 12.08 8.06 -14.78
C ALA A 215 13.45 7.83 -15.42
N SER A 216 14.40 7.35 -14.63
CA SER A 216 15.76 7.11 -15.11
C SER A 216 15.91 5.73 -15.73
N ARG A 217 15.22 4.74 -15.16
CA ARG A 217 15.31 3.39 -15.65
C ARG A 217 13.93 2.76 -15.70
N ILE A 218 13.55 2.22 -16.85
CA ILE A 218 12.25 1.61 -17.02
C ILE A 218 12.42 0.20 -17.57
N ILE A 219 12.28 -0.79 -16.70
CA ILE A 219 12.43 -2.19 -17.06
C ILE A 219 11.09 -2.84 -17.44
N GLY A 220 10.98 -3.25 -18.70
CA GLY A 220 9.77 -3.89 -19.16
C GLY A 220 9.86 -5.40 -18.99
N VAL A 221 8.76 -6.00 -18.53
CA VAL A 221 8.74 -7.44 -18.33
C VAL A 221 7.54 -8.07 -19.03
N ASP A 222 7.80 -9.10 -19.81
CA ASP A 222 6.73 -9.81 -20.52
C ASP A 222 7.26 -11.17 -20.97
N ILE A 223 6.37 -12.16 -21.00
CA ILE A 223 6.74 -13.51 -21.42
C ILE A 223 6.75 -13.61 -22.93
N ASN A 224 6.17 -12.61 -23.59
CA ASN A 224 6.14 -12.57 -25.06
C ASN A 224 7.15 -11.53 -25.53
N LYS A 225 8.31 -11.99 -25.99
CA LYS A 225 9.37 -11.09 -26.43
C LYS A 225 9.03 -10.18 -27.61
N ASP A 226 7.98 -10.50 -28.36
CA ASP A 226 7.61 -9.66 -29.50
C ASP A 226 7.09 -8.29 -29.04
N LYS A 227 6.74 -8.22 -27.76
CA LYS A 227 6.24 -6.99 -27.16
C LYS A 227 7.37 -6.02 -26.80
N PHE A 228 8.61 -6.50 -26.82
CA PHE A 228 9.77 -5.70 -26.45
C PHE A 228 10.10 -4.51 -27.35
N ALA A 229 10.13 -4.74 -28.66
CA ALA A 229 10.46 -3.66 -29.60
C ALA A 229 9.64 -2.40 -29.35
N ARG A 230 8.32 -2.55 -29.33
CA ARG A 230 7.46 -1.39 -29.12
C ARG A 230 7.63 -0.79 -27.72
N ALA A 231 7.90 -1.64 -26.73
CA ALA A 231 8.09 -1.16 -25.35
C ALA A 231 9.29 -0.22 -25.29
N LYS A 232 10.36 -0.58 -26.00
CA LYS A 232 11.55 0.27 -26.02
C LYS A 232 11.24 1.57 -26.74
N GLU A 233 10.45 1.49 -27.80
CA GLU A 233 10.07 2.68 -28.56
C GLU A 233 9.32 3.64 -27.67
N PHE A 234 8.59 3.10 -26.69
CA PHE A 234 7.82 3.92 -25.76
C PHE A 234 8.67 4.45 -24.62
N GLY A 235 9.88 3.90 -24.44
CA GLY A 235 10.74 4.40 -23.39
C GLY A 235 11.42 3.39 -22.47
N ALA A 236 11.07 2.12 -22.56
CA ALA A 236 11.68 1.12 -21.69
C ALA A 236 13.18 1.10 -21.97
N THR A 237 13.99 1.17 -20.92
CA THR A 237 15.44 1.15 -21.08
C THR A 237 15.94 -0.27 -21.37
N GLU A 238 15.11 -1.26 -21.05
CA GLU A 238 15.44 -2.65 -21.33
C GLU A 238 14.28 -3.55 -20.98
N CYS A 239 14.23 -4.73 -21.59
CA CYS A 239 13.16 -5.67 -21.35
C CYS A 239 13.71 -7.05 -20.99
N ILE A 240 13.00 -7.75 -20.11
CA ILE A 240 13.41 -9.07 -19.70
C ILE A 240 12.23 -10.03 -19.74
N ASN A 241 12.52 -11.29 -20.05
CA ASN A 241 11.51 -12.33 -20.12
C ASN A 241 11.70 -13.24 -18.91
N PRO A 242 10.69 -13.32 -18.03
CA PRO A 242 10.76 -14.16 -16.84
C PRO A 242 11.16 -15.60 -17.17
N GLN A 243 10.79 -16.04 -18.37
CA GLN A 243 11.11 -17.40 -18.81
C GLN A 243 12.61 -17.59 -19.04
N ASP A 244 13.35 -16.50 -19.18
CA ASP A 244 14.79 -16.60 -19.41
C ASP A 244 15.61 -16.73 -18.14
N PHE A 245 14.94 -16.86 -16.99
CA PHE A 245 15.67 -16.99 -15.74
C PHE A 245 15.11 -18.12 -14.87
N SER A 246 15.99 -18.79 -14.15
CA SER A 246 15.57 -19.89 -13.28
C SER A 246 15.08 -19.36 -11.93
N LYS A 247 15.53 -18.16 -11.57
CA LYS A 247 15.13 -17.54 -10.32
C LYS A 247 13.82 -16.77 -10.48
N PRO A 248 13.07 -16.58 -9.40
CA PRO A 248 11.80 -15.83 -9.46
C PRO A 248 12.11 -14.44 -10.00
N ILE A 249 11.23 -13.90 -10.82
CA ILE A 249 11.44 -12.59 -11.42
C ILE A 249 11.79 -11.48 -10.43
N GLN A 250 11.19 -11.49 -9.24
CA GLN A 250 11.51 -10.43 -8.27
C GLN A 250 12.95 -10.52 -7.80
N GLU A 251 13.54 -11.71 -7.85
CA GLU A 251 14.92 -11.88 -7.44
C GLU A 251 15.85 -11.33 -8.52
N VAL A 252 15.45 -11.49 -9.78
CA VAL A 252 16.23 -10.99 -10.90
C VAL A 252 16.25 -9.46 -10.85
N LEU A 253 15.07 -8.88 -10.69
CA LEU A 253 14.94 -7.43 -10.62
C LEU A 253 15.70 -6.83 -9.43
N ILE A 254 15.60 -7.46 -8.26
CA ILE A 254 16.32 -6.96 -7.11
C ILE A 254 17.82 -6.98 -7.42
N GLU A 255 18.26 -8.04 -8.06
CA GLU A 255 19.67 -8.17 -8.42
C GLU A 255 20.09 -7.10 -9.43
N MET A 256 19.25 -6.87 -10.43
CA MET A 256 19.52 -5.88 -11.47
C MET A 256 19.56 -4.45 -10.98
N THR A 257 18.84 -4.16 -9.90
CA THR A 257 18.76 -2.80 -9.39
C THR A 257 19.35 -2.55 -8.01
N ASP A 258 20.21 -3.45 -7.55
CA ASP A 258 20.86 -3.28 -6.25
C ASP A 258 19.85 -3.03 -5.12
N GLY A 259 18.82 -3.86 -5.04
CA GLY A 259 17.83 -3.71 -3.99
C GLY A 259 16.37 -3.80 -4.40
N GLY A 260 16.07 -3.42 -5.64
CA GLY A 260 14.71 -3.45 -6.13
C GLY A 260 14.34 -2.11 -6.75
N VAL A 261 13.23 -2.06 -7.48
CA VAL A 261 12.78 -0.83 -8.13
C VAL A 261 12.08 0.13 -7.15
N ASP A 262 11.93 1.39 -7.55
CA ASP A 262 11.26 2.37 -6.71
C ASP A 262 9.76 2.22 -6.91
N TYR A 263 9.34 1.87 -8.13
CA TYR A 263 7.93 1.69 -8.45
C TYR A 263 7.74 0.54 -9.44
N SER A 264 6.80 -0.35 -9.15
CA SER A 264 6.51 -1.46 -10.06
C SER A 264 5.04 -1.37 -10.43
N PHE A 265 4.70 -1.81 -11.64
CA PHE A 265 3.32 -1.78 -12.10
C PHE A 265 2.89 -3.13 -12.69
N GLU A 266 1.84 -3.72 -12.12
CA GLU A 266 1.35 -5.00 -12.63
C GLU A 266 0.24 -4.69 -13.62
N CYS A 267 0.49 -4.96 -14.90
CA CYS A 267 -0.48 -4.68 -15.94
C CYS A 267 -0.85 -5.98 -16.65
N ILE A 268 -1.14 -7.02 -15.87
CA ILE A 268 -1.50 -8.32 -16.43
C ILE A 268 -2.78 -8.87 -15.82
N GLY A 269 -2.85 -8.90 -14.51
CA GLY A 269 -4.01 -9.44 -13.82
C GLY A 269 -3.72 -10.84 -13.29
N ASN A 270 -2.44 -11.10 -13.04
CA ASN A 270 -1.98 -12.39 -12.52
C ASN A 270 -1.54 -12.16 -11.06
N VAL A 271 -2.28 -12.71 -10.11
CA VAL A 271 -1.96 -12.50 -8.69
C VAL A 271 -0.57 -12.93 -8.29
N LYS A 272 -0.04 -13.96 -8.93
CA LYS A 272 1.29 -14.42 -8.61
C LYS A 272 2.31 -13.37 -9.05
N VAL A 273 2.07 -12.75 -10.19
CA VAL A 273 2.98 -11.72 -10.69
C VAL A 273 2.79 -10.44 -9.87
N MET A 274 1.59 -10.24 -9.34
CA MET A 274 1.33 -9.06 -8.52
C MET A 274 2.20 -9.15 -7.28
N ARG A 275 2.32 -10.36 -6.75
CA ARG A 275 3.16 -10.57 -5.57
C ARG A 275 4.61 -10.30 -5.94
N ALA A 276 5.03 -10.81 -7.09
CA ALA A 276 6.39 -10.62 -7.54
C ALA A 276 6.66 -9.12 -7.70
N ALA A 277 5.71 -8.42 -8.28
CA ALA A 277 5.84 -6.97 -8.49
C ALA A 277 6.06 -6.26 -7.16
N LEU A 278 5.33 -6.67 -6.12
CA LEU A 278 5.50 -6.05 -4.81
C LEU A 278 6.88 -6.35 -4.23
N GLU A 279 7.26 -7.63 -4.26
CA GLU A 279 8.55 -8.05 -3.71
C GLU A 279 9.75 -7.59 -4.53
N ALA A 280 9.49 -7.16 -5.76
CA ALA A 280 10.56 -6.67 -6.62
C ALA A 280 10.87 -5.23 -6.25
N CYS A 281 10.01 -4.62 -5.43
CA CYS A 281 10.20 -3.25 -5.00
C CYS A 281 11.31 -3.13 -3.98
N HIS A 282 11.97 -1.98 -3.99
CA HIS A 282 13.08 -1.73 -3.07
C HIS A 282 12.60 -1.59 -1.64
N LYS A 283 13.40 -2.11 -0.73
CA LYS A 283 13.12 -2.03 0.70
C LYS A 283 13.15 -0.56 1.11
N GLY A 284 12.37 -0.22 2.12
CA GLY A 284 12.36 1.15 2.60
C GLY A 284 11.41 2.13 1.93
N TRP A 285 11.32 2.10 0.60
CA TRP A 285 10.45 3.05 -0.10
C TRP A 285 9.76 2.52 -1.36
N GLY A 286 9.97 1.24 -1.68
CA GLY A 286 9.37 0.67 -2.87
C GLY A 286 7.85 0.72 -2.88
N VAL A 287 7.27 1.01 -4.05
CA VAL A 287 5.82 1.10 -4.20
C VAL A 287 5.35 0.32 -5.42
N SER A 288 4.38 -0.57 -5.22
CA SER A 288 3.85 -1.36 -6.31
C SER A 288 2.39 -1.01 -6.57
N VAL A 289 2.04 -0.80 -7.83
CA VAL A 289 0.68 -0.45 -8.19
C VAL A 289 0.04 -1.54 -9.03
N VAL A 290 -1.06 -2.10 -8.54
CA VAL A 290 -1.78 -3.15 -9.25
C VAL A 290 -2.72 -2.49 -10.24
N VAL A 291 -2.52 -2.77 -11.52
CA VAL A 291 -3.40 -2.20 -12.54
C VAL A 291 -4.21 -3.31 -13.19
N GLY A 292 -3.63 -4.50 -13.28
CA GLY A 292 -4.31 -5.63 -13.88
C GLY A 292 -5.52 -6.08 -13.08
N VAL A 293 -6.54 -6.58 -13.78
CA VAL A 293 -7.75 -7.05 -13.13
C VAL A 293 -7.73 -8.59 -13.02
N ALA A 294 -7.48 -9.09 -11.81
CA ALA A 294 -7.42 -10.53 -11.58
C ALA A 294 -8.79 -11.21 -11.65
N ALA A 295 -8.79 -12.50 -11.95
CA ALA A 295 -10.03 -13.28 -12.04
C ALA A 295 -10.69 -13.30 -10.65
N SER A 296 -12.00 -13.52 -10.64
CA SER A 296 -12.75 -13.55 -9.38
C SER A 296 -12.26 -14.62 -8.42
N GLY A 297 -12.29 -14.30 -7.13
CA GLY A 297 -11.87 -15.26 -6.12
C GLY A 297 -10.37 -15.32 -5.87
N GLU A 298 -9.57 -15.05 -6.90
CA GLU A 298 -8.13 -15.11 -6.71
C GLU A 298 -7.68 -14.01 -5.76
N GLU A 299 -6.63 -14.27 -5.01
CA GLU A 299 -6.13 -13.26 -4.10
C GLU A 299 -4.61 -13.12 -4.13
N ILE A 300 -4.16 -11.92 -3.80
CA ILE A 300 -2.73 -11.60 -3.76
C ILE A 300 -2.23 -11.90 -2.36
N ALA A 301 -0.96 -12.25 -2.24
CA ALA A 301 -0.38 -12.56 -0.94
C ALA A 301 1.11 -12.24 -0.85
N THR A 302 1.57 -12.03 0.39
CA THR A 302 2.97 -11.76 0.66
C THR A 302 3.15 -11.82 2.18
N ARG A 303 4.39 -11.75 2.65
CA ARG A 303 4.64 -11.77 4.08
C ARG A 303 4.57 -10.33 4.56
N PRO A 304 3.82 -10.08 5.64
CA PRO A 304 3.71 -8.72 6.16
C PRO A 304 5.06 -8.02 6.32
N PHE A 305 6.11 -8.82 6.47
CA PHE A 305 7.47 -8.31 6.60
C PHE A 305 7.79 -7.32 5.46
N GLN A 306 7.27 -7.60 4.27
CA GLN A 306 7.51 -6.75 3.10
C GLN A 306 7.03 -5.32 3.31
N LEU A 307 5.87 -5.17 3.95
CA LEU A 307 5.29 -3.85 4.22
C LEU A 307 5.95 -3.20 5.41
N VAL A 308 6.22 -3.98 6.44
CA VAL A 308 6.85 -3.47 7.65
C VAL A 308 8.22 -2.90 7.33
N THR A 309 8.93 -3.50 6.37
CA THR A 309 10.24 -3.00 6.01
C THR A 309 10.23 -1.94 4.91
N GLY A 310 9.08 -1.27 4.74
CA GLY A 310 9.03 -0.17 3.78
C GLY A 310 8.22 -0.16 2.51
N ARG A 311 7.86 -1.33 1.96
CA ARG A 311 7.09 -1.35 0.72
C ARG A 311 5.61 -0.99 0.88
N THR A 312 5.01 -0.49 -0.19
CA THR A 312 3.61 -0.08 -0.19
C THR A 312 2.87 -0.74 -1.35
N TRP A 313 1.65 -1.23 -1.08
CA TRP A 313 0.85 -1.87 -2.12
C TRP A 313 -0.34 -0.99 -2.46
N LYS A 314 -0.42 -0.55 -3.70
CA LYS A 314 -1.52 0.30 -4.17
C LYS A 314 -2.15 -0.30 -5.41
N GLY A 315 -3.26 0.29 -5.84
CA GLY A 315 -3.96 -0.16 -7.03
C GLY A 315 -4.54 1.07 -7.69
N THR A 316 -5.05 0.93 -8.91
CA THR A 316 -5.62 2.08 -9.58
C THR A 316 -6.82 1.69 -10.43
N ALA A 317 -7.71 2.64 -10.67
CA ALA A 317 -8.90 2.42 -11.50
C ALA A 317 -8.94 3.57 -12.50
N PHE A 318 -8.82 3.23 -13.78
CA PHE A 318 -8.83 4.23 -14.84
C PHE A 318 -7.80 5.31 -14.53
N GLY A 319 -6.63 4.88 -14.10
CA GLY A 319 -5.54 5.79 -13.79
C GLY A 319 -5.82 6.88 -12.77
N GLY A 320 -6.88 6.72 -11.99
CA GLY A 320 -7.19 7.72 -10.98
C GLY A 320 -7.70 9.04 -11.54
N TRP A 321 -8.04 9.07 -12.82
CA TRP A 321 -8.53 10.30 -13.43
C TRP A 321 -9.98 10.59 -13.12
N LYS A 322 -10.28 11.78 -12.61
CA LYS A 322 -11.67 12.13 -12.40
C LYS A 322 -12.12 12.33 -13.85
N SER A 323 -12.72 11.27 -14.40
CA SER A 323 -13.15 11.17 -15.78
C SER A 323 -13.63 12.37 -16.58
N VAL A 324 -14.74 12.98 -16.15
CA VAL A 324 -15.30 14.10 -16.88
C VAL A 324 -14.39 15.32 -17.04
N GLU A 325 -13.61 15.62 -16.01
CA GLU A 325 -12.73 16.78 -16.10
C GLU A 325 -11.35 16.44 -16.67
N SER A 326 -10.94 15.18 -16.55
CA SER A 326 -9.62 14.78 -17.02
C SER A 326 -9.48 14.39 -18.48
N VAL A 327 -10.38 13.54 -18.95
CA VAL A 327 -10.34 13.08 -20.35
C VAL A 327 -10.15 14.23 -21.34
N PRO A 328 -10.90 15.34 -21.19
CA PRO A 328 -10.72 16.44 -22.15
C PRO A 328 -9.27 16.95 -22.14
N LYS A 329 -8.68 17.00 -20.95
CA LYS A 329 -7.31 17.47 -20.81
C LYS A 329 -6.33 16.46 -21.41
N LEU A 330 -6.63 15.16 -21.27
CA LEU A 330 -5.77 14.14 -21.83
C LEU A 330 -5.82 14.26 -23.35
N VAL A 331 -7.01 14.55 -23.89
CA VAL A 331 -7.15 14.72 -25.33
C VAL A 331 -6.26 15.89 -25.74
N SER A 332 -6.29 16.96 -24.96
CA SER A 332 -5.47 18.14 -25.25
C SER A 332 -3.99 17.82 -25.19
N GLU A 333 -3.58 16.97 -24.25
CA GLU A 333 -2.16 16.62 -24.17
C GLU A 333 -1.77 15.86 -25.43
N TYR A 334 -2.67 15.04 -25.94
CA TYR A 334 -2.42 14.30 -27.16
C TYR A 334 -2.29 15.28 -28.33
N MET A 335 -3.21 16.25 -28.40
CA MET A 335 -3.20 17.24 -29.46
C MET A 335 -1.90 18.05 -29.41
N SER A 336 -1.41 18.32 -28.20
CA SER A 336 -0.18 19.09 -27.98
C SER A 336 1.04 18.21 -28.16
N LYS A 337 0.82 16.92 -28.44
CA LYS A 337 1.89 15.96 -28.62
C LYS A 337 2.65 15.60 -27.34
N LYS A 338 2.08 15.89 -26.17
CA LYS A 338 2.72 15.56 -24.91
C LYS A 338 2.64 14.05 -24.66
N ILE A 339 1.57 13.42 -25.12
CA ILE A 339 1.40 11.98 -24.97
C ILE A 339 1.07 11.37 -26.33
N LYS A 340 1.27 10.07 -26.43
CA LYS A 340 0.99 9.35 -27.67
C LYS A 340 -0.33 8.61 -27.60
N VAL A 341 -0.95 8.43 -28.77
CA VAL A 341 -2.20 7.70 -28.87
C VAL A 341 -2.14 6.85 -30.12
N ASP A 342 -1.79 7.49 -31.24
CA ASP A 342 -1.67 6.82 -32.52
C ASP A 342 -0.80 5.57 -32.49
N GLU A 343 0.29 5.62 -31.73
CA GLU A 343 1.21 4.51 -31.63
C GLU A 343 0.63 3.25 -30.97
N PHE A 344 -0.53 3.39 -30.35
CA PHE A 344 -1.18 2.26 -29.70
C PHE A 344 -2.01 1.44 -30.68
N VAL A 345 -2.39 2.06 -31.80
CA VAL A 345 -3.19 1.37 -32.80
C VAL A 345 -2.36 0.43 -33.64
N THR A 346 -2.65 -0.87 -33.55
CA THR A 346 -1.94 -1.89 -34.30
C THR A 346 -2.76 -2.47 -35.46
N HIS A 347 -4.08 -2.32 -35.38
CA HIS A 347 -4.95 -2.81 -36.45
C HIS A 347 -6.21 -1.95 -36.60
N ASN A 348 -6.76 -1.97 -37.80
CA ASN A 348 -7.97 -1.21 -38.12
C ASN A 348 -8.93 -2.14 -38.86
N LEU A 349 -10.19 -2.13 -38.43
CA LEU A 349 -11.20 -2.97 -39.04
C LEU A 349 -12.51 -2.23 -39.26
N SER A 350 -13.37 -2.81 -40.08
CA SER A 350 -14.68 -2.24 -40.35
C SER A 350 -15.59 -2.86 -39.28
N PHE A 351 -16.75 -2.25 -39.06
CA PHE A 351 -17.66 -2.74 -38.05
C PHE A 351 -18.07 -4.21 -38.22
N ASP A 352 -18.30 -4.64 -39.45
CA ASP A 352 -18.70 -6.03 -39.69
C ASP A 352 -17.62 -7.05 -39.36
N GLU A 353 -16.36 -6.61 -39.32
CA GLU A 353 -15.25 -7.50 -39.02
C GLU A 353 -14.89 -7.44 -37.54
N ILE A 354 -15.75 -6.84 -36.74
CA ILE A 354 -15.49 -6.69 -35.30
C ILE A 354 -14.97 -7.96 -34.61
N ASN A 355 -15.51 -9.12 -34.97
CA ASN A 355 -15.05 -10.36 -34.33
C ASN A 355 -13.57 -10.63 -34.53
N LYS A 356 -13.01 -10.15 -35.63
CA LYS A 356 -11.58 -10.35 -35.89
C LYS A 356 -10.74 -9.64 -34.83
N ALA A 357 -11.28 -8.58 -34.25
CA ALA A 357 -10.58 -7.84 -33.22
C ALA A 357 -10.29 -8.76 -32.04
N PHE A 358 -11.23 -9.68 -31.77
CA PHE A 358 -11.06 -10.63 -30.68
C PHE A 358 -10.06 -11.71 -31.04
N GLU A 359 -10.05 -12.09 -32.32
CA GLU A 359 -9.11 -13.11 -32.80
C GLU A 359 -7.68 -12.58 -32.70
N LEU A 360 -7.51 -11.29 -32.95
CA LEU A 360 -6.18 -10.67 -32.87
C LEU A 360 -5.71 -10.69 -31.42
N MET A 361 -6.61 -10.41 -30.48
CA MET A 361 -6.26 -10.40 -29.06
C MET A 361 -5.81 -11.76 -28.57
N HIS A 362 -6.50 -12.81 -28.99
CA HIS A 362 -6.16 -14.16 -28.56
C HIS A 362 -4.77 -14.57 -29.06
N SER A 363 -4.45 -14.21 -30.30
CA SER A 363 -3.14 -14.55 -30.87
C SER A 363 -2.00 -13.74 -30.24
N GLY A 364 -2.36 -12.82 -29.36
CA GLY A 364 -1.36 -12.00 -28.69
C GLY A 364 -0.54 -11.15 -29.64
N LYS A 365 -1.12 -10.81 -30.80
CA LYS A 365 -0.38 -10.02 -31.76
C LYS A 365 -0.86 -8.58 -31.90
N SER A 366 -1.66 -8.10 -30.96
CA SER A 366 -2.15 -6.73 -31.03
C SER A 366 -2.02 -5.96 -29.73
N ILE A 367 -2.11 -4.63 -29.85
CA ILE A 367 -2.08 -3.75 -28.70
C ILE A 367 -3.51 -3.24 -28.63
N ARG A 368 -3.95 -2.60 -29.70
CA ARG A 368 -5.29 -2.08 -29.79
C ARG A 368 -5.80 -2.05 -31.22
N THR A 369 -6.96 -2.65 -31.44
CA THR A 369 -7.59 -2.67 -32.75
C THR A 369 -8.73 -1.67 -32.74
N VAL A 370 -8.70 -0.72 -33.67
CA VAL A 370 -9.74 0.29 -33.76
C VAL A 370 -10.76 -0.09 -34.83
N VAL A 371 -12.01 -0.25 -34.40
CA VAL A 371 -13.09 -0.63 -35.31
C VAL A 371 -13.84 0.63 -35.74
N LYS A 372 -13.83 0.88 -37.04
CA LYS A 372 -14.53 2.04 -37.58
C LYS A 372 -15.99 1.70 -37.82
N ILE A 373 -16.89 2.45 -37.19
CA ILE A 373 -18.31 2.19 -37.36
C ILE A 373 -18.72 2.62 -38.76
N ALA B 1 41.95 4.52 31.86
CA ALA B 1 41.76 3.43 30.85
C ALA B 1 40.44 2.69 31.12
N ASN B 2 39.78 2.25 30.05
CA ASN B 2 38.53 1.52 30.19
C ASN B 2 38.82 0.04 30.44
N GLU B 3 38.45 -0.41 31.64
CA GLU B 3 38.68 -1.79 32.06
C GLU B 3 37.47 -2.68 31.82
N VAL B 4 37.67 -3.97 32.04
CA VAL B 4 36.60 -4.96 31.92
C VAL B 4 35.70 -4.70 33.12
N ILE B 5 34.39 -4.69 32.90
CA ILE B 5 33.46 -4.47 34.00
C ILE B 5 32.78 -5.76 34.39
N LYS B 6 32.69 -5.99 35.70
CA LYS B 6 32.02 -7.18 36.22
C LYS B 6 30.70 -6.69 36.80
N CYS B 7 29.59 -7.16 36.24
CA CYS B 7 28.28 -6.72 36.69
C CYS B 7 27.24 -7.83 36.55
N LYS B 8 26.00 -7.49 36.89
CA LYS B 8 24.89 -8.42 36.78
C LYS B 8 24.18 -8.20 35.45
N ALA B 9 23.58 -9.28 34.95
CA ALA B 9 22.83 -9.22 33.70
C ALA B 9 21.83 -10.37 33.69
N ALA B 10 20.73 -10.18 32.98
CA ALA B 10 19.72 -11.22 32.87
C ALA B 10 20.04 -11.99 31.61
N VAL B 11 20.64 -13.16 31.79
CA VAL B 11 21.03 -13.99 30.66
C VAL B 11 19.97 -15.01 30.25
N ALA B 12 19.80 -15.15 28.95
CA ALA B 12 18.86 -16.12 28.37
C ALA B 12 19.76 -17.25 27.89
N TRP B 13 19.94 -18.25 28.72
CA TRP B 13 20.80 -19.38 28.39
C TRP B 13 20.29 -20.24 27.25
N GLU B 14 18.98 -20.45 27.22
CA GLU B 14 18.40 -21.30 26.20
C GLU B 14 16.96 -20.91 25.90
N ALA B 15 16.49 -21.27 24.72
CA ALA B 15 15.12 -20.97 24.33
C ALA B 15 14.14 -21.67 25.25
N GLY B 16 12.97 -21.05 25.44
CA GLY B 16 11.94 -21.63 26.28
C GLY B 16 12.15 -21.58 27.78
N LYS B 17 13.25 -20.99 28.23
CA LYS B 17 13.52 -20.90 29.66
C LYS B 17 13.49 -19.46 30.15
N PRO B 18 13.20 -19.24 31.44
CA PRO B 18 13.17 -17.86 31.94
C PRO B 18 14.59 -17.29 31.98
N LEU B 19 14.70 -15.99 32.23
CA LEU B 19 15.99 -15.35 32.29
C LEU B 19 16.71 -15.63 33.61
N SER B 20 18.03 -15.71 33.56
CA SER B 20 18.80 -15.98 34.76
C SER B 20 19.73 -14.82 35.12
N ILE B 21 19.61 -14.32 36.34
CA ILE B 21 20.45 -13.21 36.79
C ILE B 21 21.85 -13.74 37.07
N GLU B 22 22.79 -13.44 36.19
CA GLU B 22 24.15 -13.93 36.31
C GLU B 22 25.19 -12.82 36.48
N GLU B 23 26.36 -13.21 36.94
CA GLU B 23 27.48 -12.28 37.08
C GLU B 23 28.17 -12.41 35.73
N ILE B 24 28.34 -11.30 35.02
CA ILE B 24 29.00 -11.37 33.72
C ILE B 24 30.13 -10.36 33.62
N GLU B 25 30.85 -10.41 32.51
CA GLU B 25 31.94 -9.48 32.27
C GLU B 25 31.60 -8.70 31.00
N VAL B 26 31.78 -7.38 31.06
CA VAL B 26 31.51 -6.53 29.92
C VAL B 26 32.80 -5.87 29.48
N ALA B 27 33.30 -6.27 28.32
CA ALA B 27 34.54 -5.71 27.79
C ALA B 27 34.40 -4.21 27.56
N PRO B 28 35.53 -3.48 27.54
CA PRO B 28 35.54 -2.04 27.32
C PRO B 28 35.16 -1.79 25.87
N PRO B 29 34.68 -0.58 25.54
CA PRO B 29 34.30 -0.30 24.15
C PRO B 29 35.48 -0.17 23.19
N LYS B 30 35.39 -0.86 22.06
CA LYS B 30 36.45 -0.77 21.06
C LYS B 30 36.19 0.48 20.24
N ALA B 31 36.86 0.61 19.11
CA ALA B 31 36.68 1.77 18.26
C ALA B 31 35.22 1.94 17.85
N HIS B 32 34.73 3.17 17.93
CA HIS B 32 33.36 3.49 17.58
C HIS B 32 32.29 2.68 18.30
N GLU B 33 32.53 2.41 19.57
CA GLU B 33 31.56 1.69 20.39
C GLU B 33 31.32 2.55 21.61
N VAL B 34 30.19 2.32 22.28
CA VAL B 34 29.85 3.09 23.46
C VAL B 34 29.33 2.16 24.55
N ARG B 35 29.91 2.25 25.75
CA ARG B 35 29.47 1.42 26.86
C ARG B 35 28.48 2.26 27.65
N ILE B 36 27.32 1.68 27.92
CA ILE B 36 26.27 2.39 28.63
C ILE B 36 25.84 1.69 29.90
N LYS B 37 25.63 2.48 30.95
CA LYS B 37 25.13 1.94 32.21
C LYS B 37 23.62 2.05 32.07
N ILE B 38 22.93 0.92 31.99
CA ILE B 38 21.47 0.92 31.86
C ILE B 38 20.84 1.24 33.21
N ILE B 39 19.96 2.23 33.23
CA ILE B 39 19.29 2.64 34.45
C ILE B 39 17.91 2.00 34.54
N ALA B 40 17.21 1.93 33.42
CA ALA B 40 15.88 1.34 33.38
C ALA B 40 15.65 0.66 32.05
N THR B 41 14.84 -0.39 32.06
CA THR B 41 14.52 -1.12 30.85
C THR B 41 13.12 -1.69 30.95
N ALA B 42 12.47 -1.86 29.81
CA ALA B 42 11.12 -2.42 29.78
C ALA B 42 11.15 -3.67 28.90
N VAL B 43 10.10 -4.48 29.00
CA VAL B 43 10.01 -5.71 28.22
C VAL B 43 8.89 -5.61 27.17
N CYS B 44 9.17 -6.13 25.99
CA CYS B 44 8.23 -6.08 24.88
C CYS B 44 8.02 -7.48 24.28
N HIS B 45 6.88 -7.65 23.59
CA HIS B 45 6.54 -8.93 22.98
C HIS B 45 7.70 -9.51 22.19
N THR B 46 8.45 -8.65 21.52
CA THR B 46 9.59 -9.12 20.72
C THR B 46 10.63 -9.87 21.54
N ASP B 47 10.93 -9.37 22.74
CA ASP B 47 11.90 -10.06 23.60
C ASP B 47 11.36 -11.45 23.92
N ALA B 48 10.05 -11.55 24.17
CA ALA B 48 9.42 -12.83 24.49
C ALA B 48 9.42 -13.76 23.30
N TYR B 49 9.17 -13.21 22.12
CA TYR B 49 9.14 -13.99 20.89
C TYR B 49 10.47 -14.69 20.67
N THR B 50 11.57 -13.96 20.87
CA THR B 50 12.90 -14.52 20.69
C THR B 50 13.19 -15.55 21.76
N LEU B 51 12.82 -15.22 22.99
CA LEU B 51 13.04 -16.09 24.13
C LEU B 51 12.32 -17.45 24.01
N SER B 52 11.15 -17.45 23.38
CA SER B 52 10.36 -18.66 23.22
C SER B 52 11.02 -19.71 22.34
N GLY B 53 11.88 -19.28 21.44
CA GLY B 53 12.55 -20.21 20.54
C GLY B 53 11.80 -20.27 19.22
N ALA B 54 10.72 -19.50 19.13
CA ALA B 54 9.91 -19.48 17.91
C ALA B 54 10.54 -18.61 16.83
N ASP B 55 11.48 -17.76 17.23
CA ASP B 55 12.15 -16.87 16.29
C ASP B 55 13.28 -17.61 15.57
N PRO B 56 13.10 -17.88 14.27
CA PRO B 56 14.12 -18.59 13.49
C PRO B 56 15.47 -17.87 13.45
N GLU B 57 15.48 -16.60 13.85
CA GLU B 57 16.69 -15.80 13.86
C GLU B 57 17.32 -15.75 15.26
N GLY B 58 16.62 -16.30 16.24
CA GLY B 58 17.12 -16.28 17.60
C GLY B 58 18.30 -17.20 17.84
N CYS B 59 19.25 -16.74 18.65
CA CYS B 59 20.42 -17.52 18.99
C CYS B 59 20.77 -17.34 20.46
N PHE B 60 21.28 -18.40 21.08
CA PHE B 60 21.62 -18.37 22.50
C PHE B 60 23.05 -18.86 22.72
N PRO B 61 23.66 -18.51 23.87
CA PRO B 61 23.11 -17.71 24.97
C PRO B 61 23.02 -16.27 24.52
N VAL B 62 22.10 -15.50 25.10
CA VAL B 62 21.92 -14.12 24.68
C VAL B 62 21.37 -13.20 25.76
N ILE B 63 21.72 -11.91 25.67
CA ILE B 63 21.23 -10.92 26.60
C ILE B 63 20.23 -10.09 25.80
N LEU B 64 18.95 -10.30 26.08
CA LEU B 64 17.86 -9.61 25.38
C LEU B 64 17.63 -8.19 25.92
N GLY B 65 16.54 -7.57 25.47
CA GLY B 65 16.22 -6.23 25.93
C GLY B 65 16.54 -5.17 24.90
N HIS B 66 15.55 -4.36 24.55
CA HIS B 66 15.80 -3.30 23.56
C HIS B 66 15.05 -2.01 23.86
N GLU B 67 14.49 -1.91 25.06
CA GLU B 67 13.80 -0.71 25.50
C GLU B 67 14.50 -0.26 26.77
N GLY B 68 15.54 0.54 26.60
CA GLY B 68 16.28 1.00 27.76
C GLY B 68 16.68 2.46 27.68
N ALA B 69 17.21 2.96 28.79
CA ALA B 69 17.69 4.33 28.92
C ALA B 69 18.78 4.29 29.97
N GLY B 70 19.88 4.97 29.70
CA GLY B 70 20.98 4.96 30.64
C GLY B 70 21.90 6.14 30.53
N ILE B 71 23.11 5.96 31.05
CA ILE B 71 24.12 6.99 31.06
C ILE B 71 25.40 6.40 30.46
N VAL B 72 26.07 7.17 29.61
CA VAL B 72 27.30 6.70 28.99
C VAL B 72 28.39 6.53 30.06
N GLU B 73 28.95 5.33 30.14
CA GLU B 73 30.01 5.04 31.10
C GLU B 73 31.38 5.32 30.48
N SER B 74 31.53 5.06 29.19
CA SER B 74 32.78 5.33 28.48
C SER B 74 32.59 5.14 26.99
N VAL B 75 33.45 5.77 26.21
CA VAL B 75 33.35 5.65 24.76
C VAL B 75 34.64 5.10 24.19
N GLY B 76 34.53 4.42 23.05
CA GLY B 76 35.71 3.86 22.42
C GLY B 76 36.47 4.89 21.63
N GLU B 77 37.53 4.44 20.97
CA GLU B 77 38.36 5.30 20.15
C GLU B 77 37.59 5.89 18.98
N GLY B 78 37.85 7.17 18.67
CA GLY B 78 37.19 7.80 17.55
C GLY B 78 35.83 8.42 17.82
N VAL B 79 35.25 8.12 18.98
CA VAL B 79 33.94 8.67 19.33
C VAL B 79 34.09 10.06 19.93
N THR B 80 33.50 11.05 19.29
CA THR B 80 33.60 12.43 19.76
C THR B 80 32.25 13.07 20.08
N LYS B 81 31.19 12.59 19.46
CA LYS B 81 29.84 13.12 19.67
C LYS B 81 29.24 12.70 21.02
N LEU B 82 29.82 11.68 21.62
CA LEU B 82 29.33 11.18 22.90
C LEU B 82 30.48 11.16 23.89
N LYS B 83 30.15 11.28 25.17
CA LYS B 83 31.17 11.27 26.21
C LYS B 83 30.59 10.73 27.49
N ALA B 84 31.45 10.33 28.41
CA ALA B 84 31.02 9.80 29.69
C ALA B 84 30.05 10.78 30.36
N GLY B 85 28.95 10.25 30.87
CA GLY B 85 27.98 11.09 31.55
C GLY B 85 26.78 11.50 30.73
N ASP B 86 26.87 11.37 29.40
CA ASP B 86 25.74 11.75 28.54
C ASP B 86 24.54 10.85 28.80
N THR B 87 23.35 11.46 28.77
CA THR B 87 22.11 10.71 28.97
C THR B 87 21.69 10.21 27.60
N VAL B 88 21.42 8.91 27.49
CA VAL B 88 21.08 8.32 26.20
C VAL B 88 20.05 7.20 26.19
N ILE B 89 19.66 6.81 24.97
CA ILE B 89 18.73 5.71 24.75
C ILE B 89 19.32 4.84 23.64
N PRO B 90 19.50 3.53 23.91
CA PRO B 90 20.05 2.59 22.92
C PRO B 90 19.03 2.45 21.79
N LEU B 91 19.51 2.26 20.55
CA LEU B 91 18.60 2.18 19.41
C LEU B 91 18.77 0.90 18.58
N TYR B 92 17.70 0.11 18.43
CA TYR B 92 17.83 -1.10 17.63
C TYR B 92 17.84 -0.78 16.15
N ILE B 93 17.34 0.41 15.79
CA ILE B 93 17.37 0.88 14.41
C ILE B 93 18.39 2.02 14.49
N PRO B 94 19.61 1.80 13.99
CA PRO B 94 20.63 2.86 14.05
C PRO B 94 20.44 3.93 12.99
N GLN B 95 21.42 4.84 12.93
CA GLN B 95 21.41 5.90 11.93
C GLN B 95 22.85 6.35 11.70
N CYS B 96 23.52 5.72 10.73
CA CYS B 96 24.90 6.06 10.43
C CYS B 96 24.94 7.39 9.66
N GLY B 97 23.84 7.70 8.99
CA GLY B 97 23.75 8.95 8.24
C GLY B 97 24.53 9.00 6.94
N GLU B 98 25.16 7.88 6.58
CA GLU B 98 25.96 7.83 5.36
C GLU B 98 25.48 6.80 4.35
N CYS B 99 24.67 5.85 4.79
CA CYS B 99 24.23 4.81 3.87
C CYS B 99 23.08 5.21 2.96
N LYS B 100 22.82 4.35 1.99
CA LYS B 100 21.76 4.52 0.99
C LYS B 100 20.42 4.86 1.65
N PHE B 101 20.13 4.22 2.78
CA PHE B 101 18.87 4.46 3.48
C PHE B 101 18.83 5.74 4.32
N CYS B 102 19.87 6.00 5.08
CA CYS B 102 19.93 7.21 5.91
C CYS B 102 19.86 8.45 5.02
N LEU B 103 20.42 8.35 3.82
CA LEU B 103 20.43 9.48 2.89
C LEU B 103 19.09 9.67 2.21
N ASN B 104 18.22 8.67 2.29
CA ASN B 104 16.90 8.76 1.66
C ASN B 104 15.85 9.16 2.70
N PRO B 105 15.18 10.30 2.48
CA PRO B 105 14.14 10.85 3.36
C PRO B 105 12.93 9.93 3.59
N LYS B 106 12.70 9.00 2.67
CA LYS B 106 11.55 8.09 2.76
C LYS B 106 11.73 6.87 3.66
N THR B 107 12.89 6.73 4.29
CA THR B 107 13.10 5.55 5.13
C THR B 107 14.00 5.83 6.33
N ASN B 108 13.94 4.94 7.31
CA ASN B 108 14.76 5.08 8.51
C ASN B 108 15.56 3.81 8.75
N LEU B 109 15.46 2.87 7.82
CA LEU B 109 16.13 1.59 7.94
C LEU B 109 17.63 1.52 7.59
N CYS B 110 18.46 2.14 8.41
CA CYS B 110 19.91 2.14 8.21
C CYS B 110 20.41 0.68 8.11
N GLN B 111 21.28 0.40 7.13
CA GLN B 111 21.79 -0.96 6.93
C GLN B 111 23.27 -1.14 7.26
N LYS B 112 23.91 -0.07 7.71
CA LYS B 112 25.33 -0.10 8.01
C LYS B 112 25.83 -1.28 8.84
N ILE B 113 25.08 -1.70 9.86
CA ILE B 113 25.54 -2.79 10.71
C ILE B 113 24.52 -3.92 10.90
N ARG B 114 23.53 -3.98 10.03
CA ARG B 114 22.48 -4.99 10.12
C ARG B 114 22.98 -6.45 10.14
N VAL B 115 23.98 -6.75 9.33
CA VAL B 115 24.52 -8.11 9.27
C VAL B 115 25.05 -8.58 10.62
N THR B 116 25.97 -7.82 11.19
CA THR B 116 26.54 -8.18 12.48
C THR B 116 25.50 -8.12 13.60
N GLN B 117 24.57 -7.16 13.53
CA GLN B 117 23.55 -7.03 14.57
C GLN B 117 22.67 -8.28 14.59
N GLY B 118 22.37 -8.80 13.41
CA GLY B 118 21.54 -10.00 13.32
C GLY B 118 22.22 -11.22 13.92
N LYS B 119 23.55 -11.21 13.92
CA LYS B 119 24.30 -12.33 14.48
C LYS B 119 24.58 -12.11 15.97
N GLY B 120 24.08 -10.99 16.50
CA GLY B 120 24.29 -10.69 17.90
C GLY B 120 25.72 -10.29 18.23
N LEU B 121 26.37 -9.65 17.27
CA LEU B 121 27.76 -9.22 17.41
C LEU B 121 27.90 -7.72 17.16
N MET B 122 29.02 -7.15 17.61
CA MET B 122 29.30 -5.74 17.36
C MET B 122 29.73 -5.63 15.91
N PRO B 123 29.86 -4.41 15.38
CA PRO B 123 30.27 -4.22 13.98
C PRO B 123 31.57 -4.93 13.60
N ASP B 124 32.46 -5.15 14.57
CA ASP B 124 33.73 -5.82 14.28
C ASP B 124 33.61 -7.34 14.26
N GLY B 125 32.40 -7.85 14.45
CA GLY B 125 32.20 -9.29 14.40
C GLY B 125 32.42 -10.07 15.68
N THR B 126 32.57 -9.38 16.81
CA THR B 126 32.75 -10.05 18.09
C THR B 126 31.77 -9.51 19.14
N SER B 127 31.66 -10.22 20.26
CA SER B 127 30.78 -9.84 21.35
C SER B 127 31.59 -9.34 22.54
N ARG B 128 30.98 -8.45 23.33
CA ARG B 128 31.66 -7.89 24.49
C ARG B 128 31.17 -8.58 25.77
N PHE B 129 30.30 -9.56 25.62
CA PHE B 129 29.76 -10.26 26.78
C PHE B 129 30.30 -11.67 26.99
N THR B 130 30.65 -11.97 28.24
CA THR B 130 31.11 -13.30 28.62
C THR B 130 30.46 -13.66 29.94
N CYS B 131 30.26 -14.94 30.17
CA CYS B 131 29.64 -15.40 31.41
C CYS B 131 30.04 -16.84 31.68
N LYS B 132 30.68 -17.05 32.82
CA LYS B 132 31.14 -18.38 33.23
C LYS B 132 31.94 -19.06 32.12
N GLY B 133 32.82 -18.29 31.50
CA GLY B 133 33.67 -18.81 30.44
C GLY B 133 33.06 -18.89 29.06
N LYS B 134 31.79 -18.53 28.93
CA LYS B 134 31.13 -18.60 27.63
C LYS B 134 30.82 -17.23 27.02
N THR B 135 30.75 -17.19 25.69
CA THR B 135 30.44 -15.94 24.99
C THR B 135 28.92 -15.80 24.98
N ILE B 136 28.45 -14.62 25.33
CA ILE B 136 27.02 -14.34 25.34
C ILE B 136 26.75 -13.33 24.23
N LEU B 137 25.74 -13.60 23.41
CA LEU B 137 25.42 -12.72 22.30
C LEU B 137 24.67 -11.44 22.64
N HIS B 138 24.83 -10.46 21.76
CA HIS B 138 24.15 -9.18 21.88
C HIS B 138 22.77 -9.41 21.23
N TYR B 139 21.82 -8.50 21.47
CA TYR B 139 20.49 -8.64 20.90
C TYR B 139 19.95 -7.30 20.37
N MET B 140 19.56 -7.30 19.10
CA MET B 140 19.03 -6.10 18.45
C MET B 140 19.96 -4.91 18.63
N GLY B 141 21.26 -5.21 18.79
CA GLY B 141 22.28 -4.19 18.96
C GLY B 141 22.16 -3.36 20.23
N THR B 142 21.28 -3.77 21.14
CA THR B 142 21.05 -3.01 22.37
C THR B 142 21.33 -3.75 23.69
N SER B 143 20.82 -4.97 23.84
CA SER B 143 20.98 -5.77 25.05
C SER B 143 20.81 -4.93 26.32
N THR B 144 19.61 -4.41 26.53
CA THR B 144 19.33 -3.57 27.70
C THR B 144 19.13 -4.34 29.01
N PHE B 145 19.06 -5.66 28.96
CA PHE B 145 18.88 -6.46 30.18
C PHE B 145 20.21 -6.72 30.92
N SER B 146 21.03 -5.70 31.02
CA SER B 146 22.32 -5.78 31.69
C SER B 146 22.59 -4.45 32.39
N GLU B 147 23.35 -4.47 33.49
CA GLU B 147 23.65 -3.23 34.17
C GLU B 147 24.53 -2.37 33.25
N TYR B 148 25.31 -3.04 32.41
CA TYR B 148 26.18 -2.35 31.45
C TYR B 148 26.16 -3.08 30.13
N THR B 149 25.89 -2.34 29.05
CA THR B 149 25.86 -2.92 27.72
C THR B 149 26.79 -2.10 26.82
N VAL B 150 27.14 -2.66 25.67
CA VAL B 150 28.01 -1.97 24.71
C VAL B 150 27.31 -1.96 23.35
N VAL B 151 27.16 -0.78 22.77
CA VAL B 151 26.50 -0.65 21.48
C VAL B 151 27.35 0.13 20.47
N ALA B 152 27.02 -0.01 19.18
CA ALA B 152 27.74 0.70 18.13
C ALA B 152 27.43 2.18 18.35
N ASP B 153 28.37 3.06 18.05
CA ASP B 153 28.14 4.49 18.29
C ASP B 153 27.03 5.07 17.45
N ILE B 154 26.66 4.39 16.36
CA ILE B 154 25.58 4.89 15.53
C ILE B 154 24.24 4.38 16.07
N SER B 155 24.28 3.62 17.16
CA SER B 155 23.05 3.08 17.77
C SER B 155 22.68 3.82 19.04
N VAL B 156 23.04 5.10 19.13
CA VAL B 156 22.77 5.89 20.34
C VAL B 156 22.14 7.26 20.10
N ALA B 157 21.15 7.58 20.93
CA ALA B 157 20.49 8.87 20.85
C ALA B 157 20.79 9.64 22.13
N LYS B 158 21.40 10.81 22.00
CA LYS B 158 21.72 11.64 23.16
C LYS B 158 20.48 12.45 23.49
N ILE B 159 19.99 12.33 24.72
CA ILE B 159 18.77 13.04 25.11
C ILE B 159 18.88 14.01 26.27
N ASP B 160 17.81 14.76 26.48
CA ASP B 160 17.67 15.74 27.55
C ASP B 160 18.13 15.12 28.88
N PRO B 161 19.13 15.71 29.55
CA PRO B 161 19.67 15.22 30.81
C PRO B 161 18.67 15.25 31.98
N LEU B 162 17.54 15.92 31.78
CA LEU B 162 16.52 16.02 32.82
C LEU B 162 15.44 14.96 32.70
N ALA B 163 15.40 14.27 31.56
CA ALA B 163 14.40 13.24 31.32
C ALA B 163 14.51 12.05 32.29
N PRO B 164 13.40 11.71 32.98
CA PRO B 164 13.47 10.57 33.90
C PRO B 164 13.61 9.27 33.11
N LEU B 165 14.78 8.66 33.22
CA LEU B 165 15.09 7.44 32.49
C LEU B 165 14.17 6.26 32.75
N ASP B 166 13.53 6.23 33.92
CA ASP B 166 12.61 5.14 34.24
C ASP B 166 11.27 5.34 33.52
N LYS B 167 11.23 6.36 32.67
CA LYS B 167 10.04 6.63 31.87
C LYS B 167 10.40 6.66 30.39
N VAL B 168 11.34 7.52 29.99
CA VAL B 168 11.72 7.61 28.57
C VAL B 168 12.32 6.34 27.96
N CYS B 169 12.61 5.33 28.79
CA CYS B 169 13.14 4.09 28.24
C CYS B 169 12.12 3.51 27.26
N LEU B 170 10.85 3.83 27.47
CA LEU B 170 9.77 3.35 26.60
C LEU B 170 9.79 3.96 25.21
N LEU B 171 10.52 5.05 25.03
CA LEU B 171 10.60 5.69 23.73
C LEU B 171 11.58 4.89 22.88
N GLY B 172 12.23 3.93 23.53
CA GLY B 172 13.16 3.07 22.83
C GLY B 172 12.43 2.14 21.87
N CYS B 173 11.10 2.08 22.00
CA CYS B 173 10.35 1.21 21.10
C CYS B 173 8.84 1.44 20.87
N GLY B 174 8.02 0.90 21.75
CA GLY B 174 6.57 0.98 21.60
C GLY B 174 5.91 2.31 21.36
N ILE B 175 6.14 3.26 22.27
CA ILE B 175 5.55 4.58 22.14
C ILE B 175 5.96 5.20 20.81
N SER B 176 7.27 5.30 20.58
CA SER B 176 7.79 5.89 19.35
C SER B 176 7.20 5.26 18.10
N THR B 177 7.09 3.93 18.07
CA THR B 177 6.56 3.23 16.91
C THR B 177 5.10 3.59 16.64
N GLY B 178 4.24 3.43 17.64
CA GLY B 178 2.83 3.74 17.46
C GLY B 178 2.62 5.19 17.07
N TYR B 179 3.32 6.09 17.73
CA TYR B 179 3.21 7.51 17.46
C TYR B 179 3.67 7.83 16.04
N GLY B 180 4.81 7.26 15.65
CA GLY B 180 5.33 7.51 14.32
C GLY B 180 4.45 6.92 13.23
N ALA B 181 3.81 5.79 13.53
CA ALA B 181 2.94 5.14 12.55
C ALA B 181 1.82 6.08 12.14
N ALA B 182 1.37 6.89 13.08
CA ALA B 182 0.29 7.83 12.80
C ALA B 182 0.75 9.07 12.05
N VAL B 183 1.77 9.74 12.57
CA VAL B 183 2.25 10.97 11.96
C VAL B 183 3.31 10.87 10.88
N ASN B 184 4.01 9.75 10.79
CA ASN B 184 5.03 9.60 9.75
C ASN B 184 4.58 8.71 8.60
N THR B 185 4.09 7.52 8.93
CA THR B 185 3.65 6.59 7.90
C THR B 185 2.31 6.94 7.29
N ALA B 186 1.29 7.12 8.14
CA ALA B 186 -0.02 7.47 7.64
C ALA B 186 -0.14 8.95 7.29
N LYS B 187 0.43 9.80 8.14
CA LYS B 187 0.35 11.25 7.96
C LYS B 187 -1.12 11.63 7.84
N LEU B 188 -1.94 11.13 8.76
CA LEU B 188 -3.37 11.42 8.74
C LEU B 188 -3.66 12.91 8.87
N GLU B 189 -4.66 13.36 8.12
CA GLU B 189 -5.05 14.76 8.12
C GLU B 189 -6.07 15.04 9.22
N PRO B 190 -6.19 16.31 9.63
CA PRO B 190 -7.15 16.67 10.68
C PRO B 190 -8.56 16.25 10.25
N GLY B 191 -9.33 15.68 11.18
CA GLY B 191 -10.68 15.26 10.86
C GLY B 191 -10.83 13.82 10.43
N SER B 192 -9.71 13.13 10.23
CA SER B 192 -9.71 11.73 9.79
C SER B 192 -10.45 10.78 10.72
N VAL B 193 -11.00 9.72 10.14
CA VAL B 193 -11.68 8.68 10.90
C VAL B 193 -10.69 7.53 10.93
N CYS B 194 -10.32 7.10 12.13
CA CYS B 194 -9.32 6.03 12.29
C CYS B 194 -9.81 4.85 13.11
N ALA B 195 -9.17 3.71 12.87
CA ALA B 195 -9.45 2.47 13.58
C ALA B 195 -8.10 1.89 14.00
N VAL B 196 -8.00 1.45 15.25
CA VAL B 196 -6.76 0.89 15.77
C VAL B 196 -7.02 -0.51 16.32
N PHE B 197 -6.39 -1.51 15.72
CA PHE B 197 -6.57 -2.89 16.16
C PHE B 197 -5.44 -3.28 17.11
N GLY B 198 -5.82 -3.55 18.36
CA GLY B 198 -4.83 -3.91 19.37
C GLY B 198 -4.63 -2.70 20.25
N LEU B 199 -5.01 -2.81 21.52
CA LEU B 199 -4.89 -1.67 22.43
C LEU B 199 -3.81 -1.83 23.50
N GLY B 200 -2.68 -2.39 23.08
CA GLY B 200 -1.54 -2.54 23.98
C GLY B 200 -0.74 -1.25 23.84
N GLY B 201 0.45 -1.21 24.40
CA GLY B 201 1.28 -0.01 24.33
C GLY B 201 1.40 0.58 22.93
N VAL B 202 1.54 -0.28 21.92
CA VAL B 202 1.67 0.20 20.55
C VAL B 202 0.38 0.85 20.05
N GLY B 203 -0.74 0.16 20.25
CA GLY B 203 -2.01 0.71 19.82
C GLY B 203 -2.31 2.03 20.52
N LEU B 204 -1.98 2.10 21.79
CA LEU B 204 -2.21 3.31 22.56
C LEU B 204 -1.37 4.47 22.00
N ALA B 205 -0.16 4.17 21.55
CA ALA B 205 0.70 5.22 20.99
C ALA B 205 0.13 5.69 19.66
N VAL B 206 -0.51 4.80 18.91
CA VAL B 206 -1.13 5.17 17.64
C VAL B 206 -2.29 6.12 17.96
N ILE B 207 -3.15 5.72 18.90
CA ILE B 207 -4.28 6.54 19.30
C ILE B 207 -3.76 7.92 19.69
N MET B 208 -2.67 7.92 20.46
CA MET B 208 -2.06 9.16 20.92
C MET B 208 -1.62 10.03 19.75
N GLY B 209 -1.14 9.38 18.69
CA GLY B 209 -0.70 10.10 17.51
C GLY B 209 -1.87 10.61 16.71
N CYS B 210 -2.94 9.82 16.65
CA CYS B 210 -4.13 10.23 15.93
C CYS B 210 -4.75 11.46 16.60
N LYS B 211 -4.68 11.51 17.93
CA LYS B 211 -5.24 12.65 18.65
C LYS B 211 -4.40 13.89 18.38
N VAL B 212 -3.08 13.71 18.35
CA VAL B 212 -2.18 14.81 18.08
C VAL B 212 -2.42 15.37 16.69
N ALA B 213 -2.72 14.49 15.74
CA ALA B 213 -2.96 14.90 14.36
C ALA B 213 -4.38 15.47 14.15
N GLY B 214 -5.22 15.35 15.17
CA GLY B 214 -6.58 15.88 15.08
C GLY B 214 -7.63 15.00 14.44
N ALA B 215 -7.53 13.68 14.64
CA ALA B 215 -8.53 12.77 14.08
C ALA B 215 -9.89 13.12 14.68
N SER B 216 -10.94 13.00 13.89
CA SER B 216 -12.30 13.31 14.37
C SER B 216 -12.90 12.10 15.09
N ARG B 217 -12.48 10.90 14.67
CA ARG B 217 -12.96 9.68 15.30
C ARG B 217 -11.81 8.69 15.44
N ILE B 218 -11.71 8.04 16.58
CA ILE B 218 -10.66 7.05 16.82
C ILE B 218 -11.30 5.83 17.45
N ILE B 219 -11.51 4.81 16.63
CA ILE B 219 -12.15 3.58 17.06
C ILE B 219 -11.15 2.50 17.46
N GLY B 220 -11.12 2.19 18.74
CA GLY B 220 -10.21 1.17 19.24
C GLY B 220 -10.87 -0.21 19.12
N VAL B 221 -10.07 -1.20 18.78
CA VAL B 221 -10.57 -2.57 18.64
C VAL B 221 -9.68 -3.51 19.42
N ASP B 222 -10.29 -4.34 20.27
CA ASP B 222 -9.55 -5.30 21.08
C ASP B 222 -10.49 -6.35 21.64
N ILE B 223 -10.04 -7.60 21.69
CA ILE B 223 -10.86 -8.68 22.22
C ILE B 223 -10.83 -8.70 23.75
N ASN B 224 -10.02 -7.82 24.33
CA ASN B 224 -9.90 -7.72 25.79
C ASN B 224 -10.51 -6.38 26.20
N LYS B 225 -11.74 -6.42 26.70
CA LYS B 225 -12.43 -5.20 27.10
C LYS B 225 -11.76 -4.43 28.24
N ASP B 226 -10.83 -5.06 28.96
CA ASP B 226 -10.15 -4.35 30.04
C ASP B 226 -9.25 -3.25 29.49
N LYS B 227 -8.92 -3.34 28.21
CA LYS B 227 -8.05 -2.37 27.55
C LYS B 227 -8.79 -1.09 27.14
N PHE B 228 -10.12 -1.14 27.13
CA PHE B 228 -10.93 0.00 26.71
C PHE B 228 -10.77 1.29 27.52
N ALA B 229 -10.87 1.20 28.83
CA ALA B 229 -10.76 2.39 29.67
C ALA B 229 -9.54 3.24 29.34
N ARG B 230 -8.36 2.62 29.32
CA ARG B 230 -7.15 3.37 29.03
C ARG B 230 -7.11 3.86 27.58
N ALA B 231 -7.72 3.10 26.66
CA ALA B 231 -7.75 3.51 25.26
C ALA B 231 -8.48 4.85 25.13
N LYS B 232 -9.62 4.97 25.83
CA LYS B 232 -10.39 6.20 25.78
C LYS B 232 -9.62 7.34 26.43
N GLU B 233 -8.95 7.06 27.54
CA GLU B 233 -8.18 8.08 28.22
C GLU B 233 -7.15 8.66 27.26
N PHE B 234 -6.64 7.81 26.36
CA PHE B 234 -5.65 8.23 25.38
C PHE B 234 -6.27 8.98 24.20
N GLY B 235 -7.59 8.87 24.04
CA GLY B 235 -8.26 9.58 22.96
C GLY B 235 -9.25 8.81 22.12
N ALA B 236 -9.38 7.50 22.36
CA ALA B 236 -10.31 6.70 21.60
C ALA B 236 -11.72 7.24 21.79
N THR B 237 -12.41 7.52 20.69
CA THR B 237 -13.77 8.04 20.76
C THR B 237 -14.75 6.91 21.07
N GLU B 238 -14.31 5.68 20.83
CA GLU B 238 -15.12 4.50 21.14
C GLU B 238 -14.32 3.22 20.93
N CYS B 239 -14.71 2.16 21.62
CA CYS B 239 -14.01 0.89 21.51
C CYS B 239 -14.99 -0.23 21.26
N ILE B 240 -14.56 -1.20 20.45
CA ILE B 240 -15.39 -2.33 20.12
C ILE B 240 -14.62 -3.63 20.27
N ASN B 241 -15.34 -4.68 20.62
CA ASN B 241 -14.75 -6.00 20.80
C ASN B 241 -15.31 -6.89 19.71
N PRO B 242 -14.43 -7.35 18.79
CA PRO B 242 -14.89 -8.23 17.70
C PRO B 242 -15.66 -9.46 18.17
N GLN B 243 -15.52 -9.80 19.44
CA GLN B 243 -16.21 -10.96 19.99
C GLN B 243 -17.71 -10.70 20.18
N ASP B 244 -18.09 -9.43 20.25
CA ASP B 244 -19.50 -9.10 20.45
C ASP B 244 -20.31 -9.11 19.15
N PHE B 245 -19.64 -9.35 18.02
CA PHE B 245 -20.34 -9.37 16.73
C PHE B 245 -20.29 -10.73 16.05
N SER B 246 -21.33 -11.01 15.26
CA SER B 246 -21.41 -12.27 14.54
C SER B 246 -20.87 -12.15 13.11
N LYS B 247 -20.64 -10.91 12.66
CA LYS B 247 -20.09 -10.70 11.32
C LYS B 247 -18.65 -10.21 11.42
N PRO B 248 -17.85 -10.40 10.36
CA PRO B 248 -16.45 -9.97 10.37
C PRO B 248 -16.26 -8.53 10.80
N ILE B 249 -15.22 -8.31 11.60
CA ILE B 249 -14.91 -6.99 12.13
C ILE B 249 -14.84 -5.90 11.06
N GLN B 250 -14.38 -6.24 9.85
CA GLN B 250 -14.29 -5.23 8.80
C GLN B 250 -15.68 -4.75 8.36
N GLU B 251 -16.67 -5.64 8.40
CA GLU B 251 -18.04 -5.25 8.03
C GLU B 251 -18.60 -4.33 9.10
N VAL B 252 -18.23 -4.60 10.35
CA VAL B 252 -18.69 -3.78 11.47
C VAL B 252 -18.18 -2.35 11.32
N LEU B 253 -16.88 -2.21 11.04
CA LEU B 253 -16.30 -0.90 10.90
C LEU B 253 -16.87 -0.16 9.69
N ILE B 254 -17.09 -0.89 8.61
CA ILE B 254 -17.66 -0.30 7.40
C ILE B 254 -19.04 0.25 7.75
N GLU B 255 -19.82 -0.55 8.45
CA GLU B 255 -21.16 -0.18 8.87
C GLU B 255 -21.22 1.05 9.76
N MET B 256 -20.29 1.17 10.71
CA MET B 256 -20.32 2.31 11.61
C MET B 256 -19.61 3.57 11.12
N THR B 257 -19.06 3.52 9.91
CA THR B 257 -18.36 4.69 9.37
C THR B 257 -18.84 5.11 7.98
N ASP B 258 -19.94 4.53 7.53
CA ASP B 258 -20.50 4.86 6.22
C ASP B 258 -19.53 4.59 5.08
N GLY B 259 -18.96 3.39 5.04
CA GLY B 259 -18.03 3.05 3.98
C GLY B 259 -16.70 2.50 4.44
N GLY B 260 -16.24 2.91 5.62
CA GLY B 260 -14.96 2.45 6.13
C GLY B 260 -14.15 3.61 6.65
N VAL B 261 -13.08 3.32 7.39
CA VAL B 261 -12.23 4.36 7.96
C VAL B 261 -11.24 4.91 6.95
N ASP B 262 -10.71 6.10 7.25
CA ASP B 262 -9.72 6.73 6.39
C ASP B 262 -8.36 6.08 6.62
N TYR B 263 -8.10 5.70 7.88
CA TYR B 263 -6.83 5.06 8.23
C TYR B 263 -7.06 3.99 9.29
N SER B 264 -6.40 2.84 9.12
CA SER B 264 -6.48 1.77 10.10
C SER B 264 -5.06 1.33 10.43
N PHE B 265 -4.86 0.81 11.63
CA PHE B 265 -3.53 0.36 12.06
C PHE B 265 -3.63 -0.99 12.75
N GLU B 266 -2.84 -1.95 12.31
CA GLU B 266 -2.86 -3.26 12.95
C GLU B 266 -1.69 -3.27 13.93
N CYS B 267 -2.01 -3.36 15.21
CA CYS B 267 -0.99 -3.36 16.25
C CYS B 267 -1.06 -4.63 17.07
N ILE B 268 -1.17 -5.76 16.38
CA ILE B 268 -1.27 -7.06 17.03
C ILE B 268 -0.26 -8.06 16.50
N GLY B 269 -0.26 -8.27 15.19
CA GLY B 269 0.64 -9.22 14.57
C GLY B 269 -0.13 -10.44 14.10
N ASN B 270 -1.42 -10.24 13.83
CA ASN B 270 -2.32 -11.30 13.39
C ASN B 270 -2.64 -11.09 11.90
N VAL B 271 -2.11 -11.94 11.02
CA VAL B 271 -2.34 -11.76 9.58
C VAL B 271 -3.80 -11.71 9.17
N LYS B 272 -4.68 -12.35 9.93
CA LYS B 272 -6.09 -12.32 9.59
C LYS B 272 -6.68 -10.96 9.97
N VAL B 273 -6.19 -10.37 11.06
CA VAL B 273 -6.67 -9.08 11.50
C VAL B 273 -6.12 -8.00 10.57
N MET B 274 -4.94 -8.24 10.01
CA MET B 274 -4.32 -7.29 9.09
C MET B 274 -5.20 -7.18 7.85
N ARG B 275 -5.70 -8.32 7.37
CA ARG B 275 -6.58 -8.30 6.20
C ARG B 275 -7.83 -7.50 6.53
N ALA B 276 -8.39 -7.75 7.70
CA ALA B 276 -9.58 -7.06 8.15
C ALA B 276 -9.32 -5.56 8.25
N ALA B 277 -8.16 -5.20 8.77
CA ALA B 277 -7.78 -3.80 8.91
C ALA B 277 -7.77 -3.10 7.55
N LEU B 278 -7.23 -3.79 6.53
CA LEU B 278 -7.19 -3.24 5.18
C LEU B 278 -8.60 -3.13 4.62
N GLU B 279 -9.37 -4.20 4.76
CA GLU B 279 -10.73 -4.21 4.25
C GLU B 279 -11.70 -3.29 4.99
N ALA B 280 -11.31 -2.84 6.18
CA ALA B 280 -12.15 -1.93 6.95
C ALA B 280 -11.92 -0.51 6.45
N CYS B 281 -10.92 -0.34 5.59
CA CYS B 281 -10.62 0.98 5.04
C CYS B 281 -11.63 1.40 4.00
N HIS B 282 -11.93 2.69 3.97
CA HIS B 282 -12.89 3.24 3.03
C HIS B 282 -12.44 3.05 1.58
N LYS B 283 -13.39 2.70 0.73
CA LYS B 283 -13.12 2.52 -0.69
C LYS B 283 -12.58 3.84 -1.24
N GLY B 284 -11.69 3.75 -2.22
CA GLY B 284 -11.15 4.96 -2.83
C GLY B 284 -9.95 5.65 -2.20
N TRP B 285 -9.93 5.79 -0.87
CA TRP B 285 -8.81 6.48 -0.21
C TRP B 285 -8.35 5.88 1.11
N GLY B 286 -8.94 4.77 1.51
CA GLY B 286 -8.55 4.16 2.78
C GLY B 286 -7.10 3.71 2.77
N VAL B 287 -6.44 3.86 3.91
CA VAL B 287 -5.05 3.44 4.05
C VAL B 287 -4.86 2.63 5.32
N SER B 288 -4.33 1.43 5.18
CA SER B 288 -4.10 0.59 6.35
C SER B 288 -2.59 0.44 6.58
N VAL B 289 -2.17 0.64 7.82
CA VAL B 289 -0.76 0.53 8.18
C VAL B 289 -0.51 -0.67 9.10
N VAL B 290 0.35 -1.58 8.65
CA VAL B 290 0.68 -2.75 9.46
C VAL B 290 1.79 -2.38 10.43
N VAL B 291 1.53 -2.54 11.72
CA VAL B 291 2.54 -2.24 12.73
C VAL B 291 2.94 -3.53 13.45
N GLY B 292 1.99 -4.44 13.61
CA GLY B 292 2.28 -5.68 14.28
C GLY B 292 3.26 -6.55 13.52
N VAL B 293 4.03 -7.35 14.25
CA VAL B 293 5.00 -8.24 13.63
C VAL B 293 4.47 -9.67 13.69
N ALA B 294 4.07 -10.19 12.54
CA ALA B 294 3.52 -11.54 12.47
C ALA B 294 4.59 -12.63 12.54
N ALA B 295 4.21 -13.77 13.10
CA ALA B 295 5.10 -14.90 13.24
C ALA B 295 5.67 -15.21 11.86
N SER B 296 6.92 -15.70 11.82
CA SER B 296 7.57 -16.01 10.56
C SER B 296 6.82 -17.10 9.80
N GLY B 297 6.65 -16.89 8.50
CA GLY B 297 5.95 -17.86 7.68
C GLY B 297 4.56 -17.38 7.32
N GLU B 298 3.92 -16.66 8.24
CA GLU B 298 2.58 -16.14 8.04
C GLU B 298 2.53 -15.18 6.87
N GLU B 299 1.45 -15.21 6.10
CA GLU B 299 1.33 -14.31 4.98
C GLU B 299 0.02 -13.54 5.08
N ILE B 300 0.01 -12.32 4.54
CA ILE B 300 -1.22 -11.53 4.54
C ILE B 300 -1.83 -11.75 3.17
N ALA B 301 -3.15 -11.61 3.08
CA ALA B 301 -3.84 -11.81 1.81
C ALA B 301 -5.10 -10.99 1.72
N THR B 302 -5.58 -10.81 0.49
CA THR B 302 -6.82 -10.09 0.20
C THR B 302 -7.01 -10.18 -1.31
N ARG B 303 -8.11 -9.66 -1.81
CA ARG B 303 -8.35 -9.69 -3.25
C ARG B 303 -7.84 -8.38 -3.82
N PRO B 304 -7.08 -8.44 -4.93
CA PRO B 304 -6.54 -7.24 -5.55
C PRO B 304 -7.60 -6.15 -5.79
N PHE B 305 -8.86 -6.58 -5.89
CA PHE B 305 -9.97 -5.64 -6.07
C PHE B 305 -9.91 -4.56 -4.98
N GLN B 306 -9.51 -4.95 -3.78
CA GLN B 306 -9.42 -4.02 -2.65
C GLN B 306 -8.47 -2.85 -2.93
N LEU B 307 -7.36 -3.13 -3.62
CA LEU B 307 -6.38 -2.12 -3.94
C LEU B 307 -6.80 -1.37 -5.21
N VAL B 308 -7.31 -2.10 -6.17
CA VAL B 308 -7.73 -1.45 -7.41
C VAL B 308 -8.80 -0.43 -7.11
N THR B 309 -9.69 -0.72 -6.17
CA THR B 309 -10.73 0.24 -5.83
C THR B 309 -10.34 1.30 -4.80
N GLY B 310 -9.03 1.60 -4.71
CA GLY B 310 -8.59 2.68 -3.83
C GLY B 310 -7.86 2.52 -2.50
N ARG B 311 -7.84 1.32 -1.92
CA ARG B 311 -7.15 1.17 -0.64
C ARG B 311 -5.65 0.99 -0.80
N THR B 312 -4.90 1.36 0.24
CA THR B 312 -3.44 1.27 0.22
C THR B 312 -2.93 0.50 1.44
N TRP B 313 -2.00 -0.42 1.21
CA TRP B 313 -1.45 -1.23 2.30
C TRP B 313 0.00 -0.83 2.59
N LYS B 314 0.24 -0.32 3.80
CA LYS B 314 1.57 0.11 4.21
C LYS B 314 2.06 -0.62 5.46
N GLY B 315 3.32 -0.35 5.82
CA GLY B 315 3.89 -0.95 7.01
C GLY B 315 4.82 0.08 7.63
N THR B 316 5.28 -0.17 8.86
CA THR B 316 6.17 0.77 9.49
C THR B 316 7.12 0.08 10.44
N ALA B 317 8.31 0.64 10.60
CA ALA B 317 9.31 0.08 11.48
C ALA B 317 9.78 1.23 12.37
N PHE B 318 9.58 1.08 13.67
CA PHE B 318 9.96 2.10 14.63
C PHE B 318 9.35 3.44 14.20
N GLY B 319 8.08 3.39 13.81
CA GLY B 319 7.36 4.59 13.40
C GLY B 319 7.99 5.43 12.31
N GLY B 320 8.90 4.84 11.53
CA GLY B 320 9.54 5.58 10.46
C GLY B 320 10.51 6.67 10.91
N TRP B 321 10.80 6.70 12.21
CA TRP B 321 11.71 7.71 12.76
C TRP B 321 13.18 7.42 12.47
N LYS B 322 13.91 8.41 11.92
CA LYS B 322 15.34 8.23 11.73
C LYS B 322 15.77 8.39 13.20
N SER B 323 16.04 7.26 13.83
CA SER B 323 16.38 7.15 15.24
C SER B 323 17.26 8.17 15.94
N VAL B 324 18.50 8.29 15.50
CA VAL B 324 19.42 9.21 16.16
C VAL B 324 18.96 10.66 16.21
N GLU B 325 18.39 11.16 15.12
CA GLU B 325 17.92 12.53 15.08
C GLU B 325 16.51 12.71 15.64
N SER B 326 15.71 11.65 15.59
CA SER B 326 14.34 11.76 16.07
C SER B 326 14.10 11.54 17.55
N VAL B 327 14.67 10.47 18.10
CA VAL B 327 14.48 10.17 19.51
C VAL B 327 14.71 11.35 20.46
N PRO B 328 15.76 12.15 20.26
CA PRO B 328 15.95 13.28 21.18
C PRO B 328 14.74 14.22 21.13
N LYS B 329 14.19 14.40 19.93
CA LYS B 329 13.04 15.28 19.74
C LYS B 329 11.79 14.69 20.37
N LEU B 330 11.68 13.37 20.36
CA LEU B 330 10.53 12.73 20.97
C LEU B 330 10.63 12.94 22.47
N VAL B 331 11.84 12.86 23.01
CA VAL B 331 12.03 13.08 24.44
C VAL B 331 11.62 14.51 24.79
N SER B 332 11.94 15.46 23.91
CA SER B 332 11.58 16.85 24.16
C SER B 332 10.07 17.05 24.07
N GLU B 333 9.42 16.30 23.19
CA GLU B 333 7.96 16.41 23.06
C GLU B 333 7.34 15.91 24.35
N TYR B 334 8.01 14.95 24.99
CA TYR B 334 7.53 14.39 26.25
C TYR B 334 7.70 15.39 27.38
N MET B 335 8.87 16.01 27.44
CA MET B 335 9.16 17.00 28.46
C MET B 335 8.21 18.19 28.37
N SER B 336 7.84 18.57 27.16
CA SER B 336 6.94 19.70 26.96
C SER B 336 5.47 19.31 27.03
N LYS B 337 5.19 18.06 27.39
CA LYS B 337 3.82 17.59 27.51
C LYS B 337 3.08 17.46 26.18
N LYS B 338 3.79 17.38 25.06
CA LYS B 338 3.09 17.23 23.79
C LYS B 338 2.63 15.78 23.64
N ILE B 339 3.44 14.85 24.13
CA ILE B 339 3.09 13.43 24.07
C ILE B 339 3.18 12.83 25.47
N LYS B 340 2.52 11.69 25.66
CA LYS B 340 2.52 11.02 26.96
C LYS B 340 3.50 9.87 26.98
N VAL B 341 4.03 9.59 28.17
CA VAL B 341 4.96 8.49 28.36
C VAL B 341 4.61 7.80 29.68
N ASP B 342 4.57 8.58 30.75
CA ASP B 342 4.27 8.05 32.08
C ASP B 342 3.02 7.18 32.07
N GLU B 343 2.02 7.58 31.28
CA GLU B 343 0.76 6.85 31.22
C GLU B 343 0.85 5.44 30.65
N PHE B 344 1.98 5.10 30.03
CA PHE B 344 2.15 3.77 29.47
C PHE B 344 2.70 2.80 30.52
N VAL B 345 3.21 3.33 31.63
CA VAL B 345 3.77 2.48 32.68
C VAL B 345 2.68 1.96 33.61
N THR B 346 2.47 0.65 33.59
CA THR B 346 1.45 0.02 34.42
C THR B 346 2.03 -0.72 35.62
N HIS B 347 3.29 -1.16 35.51
CA HIS B 347 3.94 -1.88 36.60
C HIS B 347 5.41 -1.51 36.70
N ASN B 348 5.95 -1.68 37.90
CA ASN B 348 7.36 -1.39 38.15
C ASN B 348 7.97 -2.56 38.90
N LEU B 349 9.18 -2.95 38.53
CA LEU B 349 9.87 -4.07 39.17
C LEU B 349 11.35 -3.80 39.33
N SER B 350 11.99 -4.62 40.16
CA SER B 350 13.42 -4.53 40.40
C SER B 350 14.05 -5.53 39.43
N PHE B 351 15.34 -5.35 39.15
CA PHE B 351 16.04 -6.22 38.21
C PHE B 351 15.87 -7.71 38.50
N ASP B 352 15.98 -8.09 39.78
CA ASP B 352 15.84 -9.48 40.19
C ASP B 352 14.49 -10.09 39.84
N GLU B 353 13.48 -9.25 39.61
CA GLU B 353 12.15 -9.72 39.26
C GLU B 353 11.85 -9.57 37.78
N ILE B 354 12.89 -9.47 36.95
CA ILE B 354 12.66 -9.28 35.52
C ILE B 354 11.73 -10.29 34.88
N ASN B 355 11.76 -11.54 35.32
CA ASN B 355 10.87 -12.53 34.72
C ASN B 355 9.40 -12.26 34.98
N LYS B 356 9.09 -11.56 36.05
CA LYS B 356 7.68 -11.24 36.34
C LYS B 356 7.09 -10.34 35.26
N ALA B 357 7.95 -9.56 34.60
CA ALA B 357 7.51 -8.67 33.54
C ALA B 357 7.01 -9.51 32.37
N PHE B 358 7.64 -10.66 32.17
CA PHE B 358 7.23 -11.56 31.11
C PHE B 358 5.91 -12.22 31.49
N GLU B 359 5.75 -12.54 32.77
CA GLU B 359 4.52 -13.16 33.25
C GLU B 359 3.36 -12.16 33.12
N LEU B 360 3.59 -10.92 33.50
CA LEU B 360 2.56 -9.89 33.42
C LEU B 360 2.14 -9.68 31.97
N MET B 361 3.12 -9.70 31.09
CA MET B 361 2.88 -9.51 29.66
C MET B 361 1.98 -10.62 29.13
N HIS B 362 2.25 -11.86 29.52
CA HIS B 362 1.44 -12.98 29.06
C HIS B 362 0.10 -13.11 29.74
N SER B 363 -0.04 -12.51 30.91
CA SER B 363 -1.32 -12.56 31.62
C SER B 363 -2.22 -11.53 30.95
N GLY B 364 -1.63 -10.75 30.06
CA GLY B 364 -2.37 -9.73 29.34
C GLY B 364 -2.82 -8.57 30.22
N LYS B 365 -2.27 -8.51 31.43
CA LYS B 365 -2.66 -7.45 32.37
C LYS B 365 -1.77 -6.22 32.43
N SER B 366 -0.85 -6.08 31.50
CA SER B 366 0.03 -4.91 31.51
C SER B 366 0.17 -4.25 30.15
N ILE B 367 0.62 -3.00 30.17
CA ILE B 367 0.88 -2.26 28.95
C ILE B 367 2.40 -2.31 28.85
N ARG B 368 3.07 -1.73 29.84
CA ARG B 368 4.52 -1.75 29.89
C ARG B 368 5.01 -1.80 31.34
N THR B 369 5.92 -2.72 31.61
CA THR B 369 6.50 -2.89 32.94
C THR B 369 7.95 -2.36 32.91
N VAL B 370 8.23 -1.34 33.73
CA VAL B 370 9.57 -0.77 33.79
C VAL B 370 10.41 -1.46 34.87
N VAL B 371 11.56 -1.98 34.45
CA VAL B 371 12.46 -2.67 35.36
C VAL B 371 13.61 -1.75 35.76
N LYS B 372 13.68 -1.44 37.06
CA LYS B 372 14.74 -0.60 37.58
C LYS B 372 15.98 -1.48 37.79
N ILE B 373 17.07 -1.13 37.12
CA ILE B 373 18.29 -1.91 37.26
C ILE B 373 18.86 -1.77 38.67
ZN ZN C . -19.98 11.21 -8.10
ZN ZN D . -10.47 -1.40 -22.53
K K E . 5.46 9.27 -5.02
P PO4 F . 1.39 7.62 -0.31
O1 PO4 F . 2.26 6.45 -0.60
O2 PO4 F . 1.93 8.37 0.85
O3 PO4 F . 1.35 8.52 -1.50
O4 PO4 F . 0.01 7.15 0.00
P PO4 G . -19.24 24.89 -28.49
O1 PO4 G . -20.23 24.52 -29.53
O2 PO4 G . -19.88 25.83 -27.52
O3 PO4 G . -18.78 23.67 -27.77
O4 PO4 G . -18.07 25.56 -29.12
PA NAD H . -2.92 -7.29 -22.83
O1A NAD H . -3.28 -8.71 -22.99
O2A NAD H . -2.81 -6.64 -24.16
O5B NAD H . -1.54 -7.15 -22.10
C5B NAD H . -1.14 -8.24 -21.21
C4B NAD H . 0.35 -8.49 -21.45
O4B NAD H . 0.86 -9.23 -20.34
C3B NAD H . 0.57 -9.30 -22.74
O3B NAD H . 1.74 -8.82 -23.40
C2B NAD H . 0.88 -10.67 -22.05
O2B NAD H . 1.69 -11.48 -22.91
C1B NAD H . 1.70 -10.23 -20.84
N9A NAD H . 1.79 -11.28 -19.84
C8A NAD H . 0.95 -12.36 -19.63
N7A NAD H . 1.38 -13.18 -18.58
C5A NAD H . 2.53 -12.56 -18.18
C6A NAD H . 3.43 -12.96 -17.22
N6A NAD H . 3.25 -14.09 -16.50
N1A NAD H . 4.58 -12.20 -17.04
C2A NAD H . 4.80 -11.06 -17.81
N3A NAD H . 3.89 -10.63 -18.78
C4A NAD H . 2.77 -11.44 -18.91
O3 NAD H . -4.00 -6.54 -21.94
PN NAD H . -4.09 -4.96 -21.68
O1N NAD H . -5.01 -4.28 -22.64
O2N NAD H . -2.74 -4.31 -21.71
O5D NAD H . -4.66 -4.86 -20.16
C5D NAD H . -3.88 -5.48 -19.10
C4D NAD H . -4.57 -5.56 -17.73
O4D NAD H . -5.05 -4.26 -17.35
C3D NAD H . -5.82 -6.46 -17.79
O3D NAD H . -6.01 -7.06 -16.51
C2D NAD H . -6.88 -5.36 -17.99
O2D NAD H . -8.17 -5.86 -17.62
C1D NAD H . -6.40 -4.36 -16.93
N1N NAD H . -7.00 -3.00 -16.98
C2N NAD H . -7.19 -2.36 -15.84
C3N NAD H . -7.66 -1.10 -15.83
C7N NAD H . -7.86 -0.46 -14.66
O7N NAD H . -8.60 0.54 -14.55
N7N NAD H . -7.22 -0.88 -13.55
C4N NAD H . -7.94 -0.48 -16.99
C5N NAD H . -7.76 -1.09 -18.17
C6N NAD H . -7.27 -2.39 -18.14
O1 DAO I . -16.66 0.02 -8.34
O2 DAO I . -16.78 2.33 -8.70
C1 DAO I . -16.31 1.11 -9.06
C2 DAO I . -15.36 0.97 -10.28
C3 DAO I . -14.86 -0.46 -10.58
C4 DAO I . -13.34 -0.59 -10.66
C5 DAO I . -12.85 -1.64 -11.67
C6 DAO I . -11.76 -1.12 -12.65
C7 DAO I . -11.46 -2.02 -13.86
C8 DAO I . -11.87 -1.37 -15.18
C9 DAO I . -11.89 -2.31 -16.38
C10 DAO I . -10.93 -1.87 -17.45
C11 DAO I . -11.07 -2.64 -18.71
C12 DAO I . -10.96 -1.79 -19.94
ZN ZN J . 22.76 4.26 7.64
ZN ZN K . 9.68 -3.38 22.10
K K L . -1.81 11.18 4.37
PA NAD M . 0.40 -6.20 23.29
O1A NAD M . 0.42 -7.68 23.38
O2A NAD M . 0.57 -5.57 24.61
O5B NAD M . -0.93 -5.63 22.63
C5B NAD M . -1.63 -6.37 21.57
C4B NAD M . -3.14 -6.31 21.82
O4B NAD M . -3.80 -7.06 20.80
C3B NAD M . -3.49 -6.99 23.18
O3B NAD M . -4.15 -6.04 24.02
C2B NAD M . -4.50 -8.05 22.70
O2B NAD M . -5.57 -8.16 23.65
C1B NAD M . -5.03 -7.46 21.38
N9A NAD M . -5.54 -8.49 20.51
C8A NAD M . -5.12 -9.82 20.38
N7A NAD M . -5.84 -10.50 19.41
C5A NAD M . -6.72 -9.54 18.96
C6A NAD M . -7.69 -9.66 17.98
N6A NAD M . -7.89 -10.82 17.33
N1A NAD M . -8.46 -8.54 17.70
C2A NAD M . -8.26 -7.33 18.38
N3A NAD M . -7.28 -7.22 19.35
C4A NAD M . -6.54 -8.36 19.60
O3 NAD M . 1.61 -5.85 22.27
PN NAD M . 2.23 -4.40 22.01
O1N NAD M . 3.32 -4.15 22.97
O2N NAD M . 1.24 -3.30 22.06
O5D NAD M . 2.81 -4.62 20.52
C5D NAD M . 1.86 -4.86 19.44
C4D NAD M . 2.49 -5.37 18.14
O4D NAD M . 3.42 -4.40 17.64
C3D NAD M . 3.30 -6.67 18.40
O3D NAD M . 3.15 -7.53 17.27
C2D NAD M . 4.72 -6.08 18.41
O2D NAD M . 5.66 -7.10 18.07
C1D NAD M . 4.63 -5.05 17.26
N1N NAD M . 5.69 -4.01 17.23
C2N NAD M . 6.11 -3.56 16.05
C3N NAD M . 6.99 -2.56 15.95
C7N NAD M . 7.40 -2.08 14.74
O7N NAD M . 8.40 -1.33 14.64
N7N NAD M . 6.79 -2.37 13.60
C4N NAD M . 7.48 -2.00 17.09
C5N NAD M . 7.09 -2.43 18.29
C6N NAD M . 6.17 -3.47 18.35
O1 DAO N . 16.31 -3.22 9.54
O2 DAO N . 16.33 -4.38 7.52
C1 DAO N . 15.82 -4.19 8.76
C2 DAO N . 14.70 -5.09 9.31
C3 DAO N . 14.22 -4.73 10.75
C4 DAO N . 12.93 -3.80 10.67
C5 DAO N . 11.68 -4.35 11.41
C6 DAO N . 11.23 -3.50 12.59
C7 DAO N . 10.45 -4.23 13.68
C8 DAO N . 11.14 -4.16 15.03
C9 DAO N . 10.52 -5.03 16.12
C10 DAO N . 10.79 -4.38 17.46
C11 DAO N . 9.62 -4.33 18.42
C12 DAO N . 10.03 -4.28 19.88
#